data_2P1C
#
_entry.id   2P1C
#
_cell.length_a   92.124
_cell.length_b   92.124
_cell.length_c   177.747
_cell.angle_alpha   90.00
_cell.angle_beta   90.00
_cell.angle_gamma   120.00
#
_symmetry.space_group_name_H-M   'P 31 2 1'
#
loop_
_entity.id
_entity.type
_entity.pdbx_description
1 polymer 'Farnesyl pyrophosphate synthase'
2 non-polymer 'MAGNESIUM ION'
3 non-polymer 'ACETATE ION'
4 non-polymer '{1-HYDROXY-3-[METHYL(4-PHENYLBUTYL)AMINO]PROPANE-1,1-DIYL}BIS(PHOSPHONIC ACID)'
5 non-polymer BETA-MERCAPTOETHANOL
6 water water
#
_entity_poly.entity_id   1
_entity_poly.type   'polypeptide(L)'
_entity_poly.pdbx_seq_one_letter_code
;MGSSHHHHHHSSGLVPRGSHMASMPMQMFMQVYDEIQMFLLEELELKFDMDPNRVRYLRKMMDTTCLGGKYNRGLTVIDV
AESLLSLSPNNNGEEDDGARRKRVLHDACVCGWMIEFLQAHYLVEDDIMDNSVTRRGKPCWYRHPDVTVQCAINDGLLLK
SWTHMMAMHFFADRPFLQDLLCRFNRVDYTTAVGQLYDVTSMFDSNKLDPDVSQPTTTDFAEFTLSNYKRIVKYKTAYYT
YLLPLVMGLIVSEALPTVDMGVTEELAMLMGEYFQVQDDVMDCFTPPERLGKVGTDIQDAKCSWLAVTFLAKASSAQVAE
FKANYGSGDSEKVATVRRLYEEADLQGDYVAYEAAVAEQVKELIEKLRLCSPGFAASVETLWGKTYKRQK
;
_entity_poly.pdbx_strand_id   A,B
#
loop_
_chem_comp.id
_chem_comp.type
_chem_comp.name
_chem_comp.formula
ACT non-polymer 'ACETATE ION' 'C2 H3 O2 -1'
BME non-polymer BETA-MERCAPTOETHANOL 'C2 H6 O S'
GG3 non-polymer '{1-HYDROXY-3-[METHYL(4-PHENYLBUTYL)AMINO]PROPANE-1,1-DIYL}BIS(PHOSPHONIC ACID)' 'C14 H25 N O7 P2'
MG non-polymer 'MAGNESIUM ION' 'Mg 2'
#
# COMPACT_ATOMS: atom_id res chain seq x y z
N MET A 24 -27.53 1.82 -18.70
CA MET A 24 -28.18 1.74 -17.36
C MET A 24 -27.24 1.18 -16.29
N PRO A 25 -26.49 0.11 -16.62
CA PRO A 25 -25.55 -0.45 -15.63
C PRO A 25 -24.56 0.65 -15.29
N MET A 26 -24.09 1.33 -16.33
CA MET A 26 -23.14 2.42 -16.20
C MET A 26 -23.76 3.60 -15.45
N GLN A 27 -25.09 3.73 -15.55
CA GLN A 27 -25.81 4.82 -14.90
C GLN A 27 -25.76 4.71 -13.38
N MET A 28 -26.26 3.59 -12.84
CA MET A 28 -26.26 3.41 -11.40
C MET A 28 -24.86 3.11 -10.90
N PHE A 29 -23.94 2.80 -11.82
CA PHE A 29 -22.57 2.54 -11.42
C PHE A 29 -21.93 3.86 -11.02
N MET A 30 -22.35 4.93 -11.70
CA MET A 30 -21.84 6.26 -11.40
C MET A 30 -22.59 6.85 -10.21
N GLN A 31 -23.79 6.36 -9.98
CA GLN A 31 -24.60 6.85 -8.86
C GLN A 31 -23.99 6.38 -7.54
N VAL A 32 -23.53 5.14 -7.50
CA VAL A 32 -22.93 4.58 -6.30
C VAL A 32 -21.55 5.19 -6.08
N TYR A 33 -20.92 5.60 -7.17
CA TYR A 33 -19.60 6.23 -7.07
C TYR A 33 -19.75 7.51 -6.26
N ASP A 34 -20.82 8.24 -6.52
CA ASP A 34 -21.08 9.50 -5.83
C ASP A 34 -21.38 9.26 -4.35
N GLU A 35 -22.04 8.14 -4.07
CA GLU A 35 -22.35 7.78 -2.70
C GLU A 35 -21.00 7.66 -2.01
N ILE A 36 -20.24 6.68 -2.46
CA ILE A 36 -18.91 6.37 -1.95
C ILE A 36 -18.02 7.61 -1.81
N GLN A 37 -18.01 8.49 -2.81
CA GLN A 37 -17.18 9.68 -2.74
C GLN A 37 -17.69 10.62 -1.65
N MET A 38 -19.02 10.64 -1.46
CA MET A 38 -19.66 11.46 -0.44
C MET A 38 -19.26 10.94 0.93
N PHE A 39 -19.55 9.65 1.15
CA PHE A 39 -19.25 9.00 2.42
C PHE A 39 -17.81 9.22 2.85
N LEU A 40 -16.87 8.88 1.97
CA LEU A 40 -15.45 9.01 2.26
C LEU A 40 -14.99 10.44 2.56
N LEU A 41 -15.19 11.35 1.61
CA LEU A 41 -14.77 12.73 1.81
C LEU A 41 -15.42 13.38 3.03
N GLU A 42 -16.71 13.12 3.22
CA GLU A 42 -17.45 13.69 4.33
C GLU A 42 -16.86 13.22 5.65
N GLU A 43 -16.63 11.93 5.75
CA GLU A 43 -16.06 11.35 6.97
C GLU A 43 -14.73 12.04 7.29
N LEU A 44 -13.93 12.25 6.26
CA LEU A 44 -12.62 12.90 6.40
C LEU A 44 -12.73 14.27 7.07
N GLU A 45 -13.90 14.88 6.94
CA GLU A 45 -14.17 16.20 7.49
C GLU A 45 -14.80 16.08 8.89
N LEU A 46 -15.66 15.09 9.05
CA LEU A 46 -16.37 14.88 10.30
C LEU A 46 -15.65 14.06 11.36
N LYS A 47 -14.75 13.16 10.94
CA LYS A 47 -14.04 12.30 11.89
C LYS A 47 -12.52 12.31 11.80
N PHE A 48 -11.96 13.02 10.83
CA PHE A 48 -10.52 13.07 10.68
C PHE A 48 -9.97 14.49 10.72
N ASP A 49 -10.82 15.43 11.12
CA ASP A 49 -10.44 16.83 11.26
C ASP A 49 -9.76 17.38 10.01
N MET A 50 -10.34 17.11 8.85
CA MET A 50 -9.75 17.59 7.61
C MET A 50 -10.31 18.92 7.13
N ASP A 51 -9.41 19.78 6.68
CA ASP A 51 -9.76 21.11 6.18
C ASP A 51 -10.25 21.00 4.74
N PRO A 52 -11.14 21.94 4.34
CA PRO A 52 -11.69 21.95 2.98
C PRO A 52 -10.66 21.86 1.84
N ASN A 53 -9.54 22.55 1.96
CA ASN A 53 -8.52 22.53 0.91
C ASN A 53 -8.02 21.11 0.64
N ARG A 54 -7.79 20.35 1.72
CA ARG A 54 -7.32 18.98 1.59
C ARG A 54 -8.46 18.03 1.23
N VAL A 55 -9.69 18.38 1.63
CA VAL A 55 -10.86 17.56 1.31
C VAL A 55 -11.14 17.63 -0.18
N ARG A 56 -10.88 18.79 -0.78
CA ARG A 56 -11.10 18.95 -2.20
C ARG A 56 -9.94 18.34 -2.99
N TYR A 57 -8.77 18.26 -2.37
CA TYR A 57 -7.60 17.67 -3.02
C TYR A 57 -7.79 16.18 -3.18
N LEU A 58 -8.46 15.55 -2.23
CA LEU A 58 -8.71 14.13 -2.30
C LEU A 58 -9.79 13.85 -3.33
N ARG A 59 -10.69 14.80 -3.49
CA ARG A 59 -11.76 14.67 -4.46
C ARG A 59 -11.13 14.62 -5.85
N LYS A 60 -10.25 15.58 -6.12
CA LYS A 60 -9.57 15.65 -7.42
C LYS A 60 -8.67 14.44 -7.67
N MET A 61 -8.01 13.98 -6.60
CA MET A 61 -7.11 12.83 -6.67
C MET A 61 -7.95 11.59 -6.97
N MET A 62 -9.09 11.50 -6.31
CA MET A 62 -10.00 10.36 -6.49
C MET A 62 -10.56 10.34 -7.89
N ASP A 63 -11.09 11.48 -8.33
CA ASP A 63 -11.67 11.57 -9.65
C ASP A 63 -10.67 11.38 -10.79
N THR A 64 -9.46 11.91 -10.62
CA THR A 64 -8.43 11.76 -11.65
C THR A 64 -7.97 10.31 -11.80
N THR A 65 -7.86 9.60 -10.68
CA THR A 65 -7.38 8.22 -10.69
C THR A 65 -8.44 7.13 -10.83
N CYS A 66 -9.65 7.36 -10.36
CA CYS A 66 -10.70 6.36 -10.44
C CYS A 66 -11.64 6.51 -11.63
N LEU A 67 -11.84 7.75 -12.06
CA LEU A 67 -12.71 8.02 -13.20
C LEU A 67 -11.78 8.23 -14.39
N GLY A 68 -12.29 7.99 -15.60
CA GLY A 68 -11.45 8.15 -16.78
C GLY A 68 -11.22 6.87 -17.56
N GLY A 69 -11.76 5.76 -17.05
CA GLY A 69 -11.62 4.49 -17.73
C GLY A 69 -12.98 3.97 -18.15
N LYS A 70 -13.00 2.80 -18.76
CA LYS A 70 -14.24 2.20 -19.23
C LYS A 70 -14.83 1.28 -18.16
N TYR A 71 -14.18 1.25 -17.01
CA TYR A 71 -14.66 0.46 -15.88
C TYR A 71 -15.02 -0.98 -16.24
N ASN A 72 -14.22 -1.62 -17.07
CA ASN A 72 -14.54 -3.00 -17.44
C ASN A 72 -14.53 -4.01 -16.30
N ARG A 73 -13.64 -3.83 -15.33
CA ARG A 73 -13.58 -4.75 -14.20
C ARG A 73 -14.82 -4.55 -13.33
N GLY A 74 -15.15 -3.30 -13.04
CA GLY A 74 -16.31 -3.01 -12.21
C GLY A 74 -17.60 -3.46 -12.84
N LEU A 75 -17.81 -3.04 -14.08
CA LEU A 75 -19.02 -3.39 -14.83
C LEU A 75 -19.26 -4.89 -14.96
N THR A 76 -18.18 -5.65 -15.02
CA THR A 76 -18.26 -7.10 -15.13
C THR A 76 -18.90 -7.72 -13.88
N VAL A 77 -18.57 -7.16 -12.72
CA VAL A 77 -19.10 -7.64 -11.44
C VAL A 77 -20.63 -7.56 -11.45
N ILE A 78 -21.14 -6.43 -11.94
CA ILE A 78 -22.58 -6.20 -12.02
C ILE A 78 -23.24 -7.20 -12.96
N ASP A 79 -22.60 -7.43 -14.10
CA ASP A 79 -23.10 -8.36 -15.10
C ASP A 79 -23.21 -9.76 -14.53
N VAL A 80 -22.15 -10.20 -13.83
CA VAL A 80 -22.10 -11.52 -13.22
C VAL A 80 -23.20 -11.62 -12.16
N ALA A 81 -23.29 -10.61 -11.30
CA ALA A 81 -24.29 -10.56 -10.24
C ALA A 81 -25.69 -10.59 -10.81
N GLU A 82 -25.95 -9.72 -11.78
CA GLU A 82 -27.26 -9.67 -12.43
C GLU A 82 -27.59 -10.98 -13.14
N SER A 83 -26.61 -11.50 -13.89
CA SER A 83 -26.79 -12.74 -14.63
C SER A 83 -27.01 -13.97 -13.74
N LEU A 84 -26.74 -13.84 -12.45
CA LEU A 84 -26.88 -14.96 -11.55
C LEU A 84 -28.02 -14.88 -10.53
N LEU A 85 -28.56 -13.68 -10.30
CA LEU A 85 -29.65 -13.54 -9.33
C LEU A 85 -30.96 -14.21 -9.75
N SER A 86 -30.94 -14.96 -10.86
CA SER A 86 -32.14 -15.65 -11.34
C SER A 86 -32.46 -16.90 -10.51
N ASP A 97 -40.75 -8.97 -4.34
CA ASP A 97 -39.52 -8.78 -3.58
C ASP A 97 -38.37 -8.39 -4.53
N GLY A 98 -38.50 -7.22 -5.15
CA GLY A 98 -37.47 -6.73 -6.04
C GLY A 98 -36.39 -6.07 -5.20
N ALA A 99 -36.38 -6.39 -3.91
CA ALA A 99 -35.39 -5.86 -2.97
C ALA A 99 -34.12 -6.70 -3.05
N ARG A 100 -34.28 -8.00 -3.20
CA ARG A 100 -33.13 -8.89 -3.32
C ARG A 100 -32.35 -8.43 -4.55
N ARG A 101 -33.07 -8.10 -5.61
CA ARG A 101 -32.45 -7.62 -6.85
C ARG A 101 -31.67 -6.33 -6.58
N LYS A 102 -32.29 -5.39 -5.86
CA LYS A 102 -31.64 -4.14 -5.53
C LYS A 102 -30.46 -4.33 -4.57
N ARG A 103 -30.63 -5.27 -3.65
CA ARG A 103 -29.57 -5.57 -2.69
C ARG A 103 -28.34 -6.02 -3.49
N VAL A 104 -28.48 -7.14 -4.21
CA VAL A 104 -27.38 -7.68 -5.01
C VAL A 104 -26.86 -6.65 -6.00
N LEU A 105 -27.75 -5.87 -6.58
CA LEU A 105 -27.35 -4.84 -7.54
C LEU A 105 -26.42 -3.78 -6.92
N HIS A 106 -26.86 -3.19 -5.81
CA HIS A 106 -26.07 -2.17 -5.13
C HIS A 106 -24.72 -2.74 -4.69
N ASP A 107 -24.75 -3.85 -3.94
CA ASP A 107 -23.52 -4.49 -3.48
C ASP A 107 -22.56 -4.77 -4.65
N ALA A 108 -23.12 -5.23 -5.76
CA ALA A 108 -22.32 -5.53 -6.94
C ALA A 108 -21.60 -4.27 -7.42
N CYS A 109 -22.25 -3.13 -7.25
CA CYS A 109 -21.66 -1.85 -7.66
C CYS A 109 -20.53 -1.41 -6.75
N VAL A 110 -20.66 -1.72 -5.45
CA VAL A 110 -19.62 -1.35 -4.49
C VAL A 110 -18.41 -2.25 -4.73
N CYS A 111 -18.68 -3.54 -4.92
CA CYS A 111 -17.63 -4.50 -5.20
C CYS A 111 -16.99 -4.07 -6.51
N GLY A 112 -17.80 -3.45 -7.35
CA GLY A 112 -17.30 -2.96 -8.62
C GLY A 112 -16.27 -1.89 -8.40
N TRP A 113 -16.57 -0.93 -7.54
CA TRP A 113 -15.66 0.17 -7.23
C TRP A 113 -14.46 -0.19 -6.38
N MET A 114 -14.54 -1.32 -5.69
CA MET A 114 -13.41 -1.76 -4.88
C MET A 114 -12.28 -2.16 -5.82
N ILE A 115 -12.63 -2.79 -6.94
CA ILE A 115 -11.65 -3.23 -7.92
C ILE A 115 -11.20 -2.05 -8.75
N GLU A 116 -12.11 -1.11 -9.01
CA GLU A 116 -11.75 0.07 -9.79
C GLU A 116 -10.79 0.92 -8.98
N PHE A 117 -11.02 0.98 -7.67
CA PHE A 117 -10.17 1.74 -6.76
C PHE A 117 -8.86 0.99 -6.54
N LEU A 118 -8.94 -0.34 -6.61
CA LEU A 118 -7.76 -1.18 -6.45
C LEU A 118 -6.88 -0.97 -7.67
N GLN A 119 -7.52 -0.89 -8.83
CA GLN A 119 -6.82 -0.66 -10.09
C GLN A 119 -6.25 0.76 -10.10
N ALA A 120 -6.97 1.66 -9.46
CA ALA A 120 -6.57 3.07 -9.36
C ALA A 120 -5.30 3.15 -8.54
N HIS A 121 -5.26 2.31 -7.51
CA HIS A 121 -4.13 2.20 -6.60
C HIS A 121 -2.91 1.62 -7.31
N TYR A 122 -3.11 0.55 -8.06
CA TYR A 122 -2.04 -0.10 -8.80
C TYR A 122 -1.44 0.84 -9.84
N LEU A 123 -2.30 1.47 -10.62
CA LEU A 123 -1.82 2.38 -11.66
C LEU A 123 -1.05 3.59 -11.14
N VAL A 124 -1.47 4.16 -10.01
CA VAL A 124 -0.73 5.30 -9.46
C VAL A 124 0.69 4.85 -9.16
N GLU A 125 0.82 3.77 -8.38
CA GLU A 125 2.12 3.25 -8.01
C GLU A 125 2.85 2.72 -9.24
N ASP A 126 2.12 2.06 -10.12
CA ASP A 126 2.69 1.51 -11.36
C ASP A 126 3.37 2.59 -12.21
N ASP A 127 2.67 3.70 -12.46
CA ASP A 127 3.22 4.79 -13.25
C ASP A 127 4.50 5.32 -12.64
N ILE A 128 4.54 5.37 -11.32
CA ILE A 128 5.71 5.85 -10.59
C ILE A 128 6.88 4.88 -10.84
N MET A 129 6.65 3.59 -10.59
CA MET A 129 7.67 2.58 -10.78
C MET A 129 8.17 2.45 -12.20
N ASP A 130 7.27 2.64 -13.16
CA ASP A 130 7.64 2.52 -14.56
C ASP A 130 8.06 3.84 -15.19
N ASN A 131 8.14 4.88 -14.37
CA ASN A 131 8.56 6.19 -14.85
C ASN A 131 7.75 6.54 -16.09
N SER A 132 6.43 6.42 -15.99
CA SER A 132 5.54 6.71 -17.11
C SER A 132 5.23 8.20 -17.21
N VAL A 133 4.74 8.63 -18.37
CA VAL A 133 4.43 10.03 -18.58
C VAL A 133 2.92 10.28 -18.61
N THR A 134 2.21 9.49 -19.41
CA THR A 134 0.77 9.65 -19.52
C THR A 134 -0.06 8.42 -19.17
N ARG A 135 -1.26 8.68 -18.67
CA ARG A 135 -2.22 7.66 -18.26
C ARG A 135 -3.63 8.13 -18.61
N ARG A 136 -4.29 7.41 -19.50
CA ARG A 136 -5.66 7.75 -19.91
C ARG A 136 -5.80 9.15 -20.52
N GLY A 137 -4.92 9.48 -21.45
CA GLY A 137 -5.00 10.78 -22.11
C GLY A 137 -4.48 11.95 -21.28
N LYS A 138 -4.33 11.76 -19.98
CA LYS A 138 -3.85 12.82 -19.11
C LYS A 138 -2.50 12.45 -18.51
N PRO A 139 -1.85 13.42 -17.84
CA PRO A 139 -0.55 13.09 -17.24
C PRO A 139 -0.77 12.07 -16.12
N CYS A 140 0.24 11.27 -15.84
CA CYS A 140 0.15 10.30 -14.76
C CYS A 140 -0.05 11.13 -13.51
N TRP A 141 -0.54 10.50 -12.44
CA TRP A 141 -0.76 11.23 -11.21
C TRP A 141 0.49 11.88 -10.65
N TYR A 142 1.60 11.14 -10.61
CA TYR A 142 2.82 11.72 -10.07
C TYR A 142 3.43 12.73 -11.02
N ARG A 143 2.85 12.86 -12.22
CA ARG A 143 3.35 13.82 -13.19
C ARG A 143 2.60 15.14 -13.09
N HIS A 144 1.48 15.16 -12.36
CA HIS A 144 0.71 16.38 -12.18
C HIS A 144 1.55 17.45 -11.47
N PRO A 145 1.75 18.61 -12.13
CA PRO A 145 2.51 19.77 -11.66
C PRO A 145 2.50 20.07 -10.16
N ASP A 146 1.34 19.88 -9.51
CA ASP A 146 1.25 20.15 -8.07
C ASP A 146 1.05 18.89 -7.25
N VAL A 147 1.58 17.78 -7.73
CA VAL A 147 1.50 16.51 -7.03
C VAL A 147 2.93 16.03 -6.94
N THR A 148 3.46 15.95 -5.72
CA THR A 148 4.82 15.50 -5.49
C THR A 148 4.85 13.97 -5.54
N VAL A 149 6.02 13.41 -5.87
CA VAL A 149 6.15 11.96 -5.95
C VAL A 149 5.87 11.32 -4.58
N GLN A 150 6.41 11.93 -3.52
CA GLN A 150 6.19 11.41 -2.17
C GLN A 150 4.71 11.42 -1.81
N CYS A 151 4.00 12.44 -2.27
CA CYS A 151 2.58 12.54 -1.98
C CYS A 151 1.80 11.59 -2.87
N ALA A 152 2.30 11.39 -4.09
CA ALA A 152 1.65 10.50 -5.06
C ALA A 152 1.62 9.09 -4.52
N ILE A 153 2.75 8.68 -3.93
CA ILE A 153 2.90 7.35 -3.33
C ILE A 153 1.85 7.18 -2.26
N ASN A 154 1.74 8.16 -1.38
CA ASN A 154 0.78 8.09 -0.29
C ASN A 154 -0.67 8.10 -0.76
N ASP A 155 -0.96 8.84 -1.83
CA ASP A 155 -2.32 8.89 -2.37
C ASP A 155 -2.64 7.51 -2.90
N GLY A 156 -1.63 6.85 -3.47
CA GLY A 156 -1.79 5.52 -3.99
C GLY A 156 -2.16 4.56 -2.88
N LEU A 157 -1.67 4.85 -1.68
CA LEU A 157 -1.95 4.02 -0.52
C LEU A 157 -3.34 4.33 0.00
N LEU A 158 -3.70 5.61 -0.03
CA LEU A 158 -5.00 6.05 0.43
C LEU A 158 -6.07 5.37 -0.42
N LEU A 159 -5.79 5.24 -1.71
CA LEU A 159 -6.71 4.60 -2.65
C LEU A 159 -6.98 3.16 -2.23
N LYS A 160 -5.93 2.47 -1.79
CA LYS A 160 -6.05 1.09 -1.36
C LYS A 160 -6.84 1.00 -0.06
N SER A 161 -6.62 1.97 0.84
CA SER A 161 -7.31 2.01 2.12
C SER A 161 -8.80 2.27 1.92
N TRP A 162 -9.15 2.99 0.86
CA TRP A 162 -10.56 3.26 0.61
C TRP A 162 -11.37 2.02 0.27
N THR A 163 -10.77 1.08 -0.45
CA THR A 163 -11.45 -0.15 -0.81
C THR A 163 -11.97 -0.82 0.46
N HIS A 164 -11.12 -0.84 1.49
CA HIS A 164 -11.50 -1.44 2.78
C HIS A 164 -12.54 -0.58 3.48
N MET A 165 -12.33 0.73 3.47
CA MET A 165 -13.25 1.67 4.13
C MET A 165 -14.67 1.62 3.56
N MET A 166 -14.79 1.54 2.24
CA MET A 166 -16.12 1.48 1.62
C MET A 166 -16.78 0.13 1.86
N ALA A 167 -16.02 -0.95 1.68
CA ALA A 167 -16.56 -2.29 1.88
C ALA A 167 -17.13 -2.43 3.29
N MET A 168 -16.34 -2.03 4.28
CA MET A 168 -16.74 -2.12 5.67
C MET A 168 -17.98 -1.28 5.99
N HIS A 169 -18.17 -0.20 5.23
CA HIS A 169 -19.31 0.69 5.42
C HIS A 169 -20.63 0.11 4.93
N PHE A 170 -20.61 -0.53 3.76
CA PHE A 170 -21.79 -1.11 3.15
C PHE A 170 -22.08 -2.57 3.49
N PHE A 171 -21.04 -3.40 3.52
CA PHE A 171 -21.22 -4.82 3.81
C PHE A 171 -21.11 -5.11 5.30
N ALA A 172 -21.09 -4.06 6.10
CA ALA A 172 -20.99 -4.18 7.55
C ALA A 172 -21.72 -5.41 8.09
N ASP A 173 -23.03 -5.48 7.89
CA ASP A 173 -23.82 -6.60 8.36
C ASP A 173 -24.16 -7.54 7.21
N ARG A 174 -23.13 -8.15 6.63
CA ARG A 174 -23.35 -9.07 5.53
C ARG A 174 -22.67 -10.40 5.83
N PRO A 175 -23.41 -11.51 5.71
CA PRO A 175 -22.89 -12.86 5.98
C PRO A 175 -21.60 -13.24 5.26
N PHE A 176 -21.37 -12.63 4.08
CA PHE A 176 -20.19 -12.94 3.28
C PHE A 176 -19.04 -11.95 3.42
N LEU A 177 -19.18 -10.98 4.32
CA LEU A 177 -18.14 -9.98 4.48
C LEU A 177 -16.73 -10.56 4.62
N GLN A 178 -16.60 -11.59 5.47
CA GLN A 178 -15.30 -12.21 5.69
C GLN A 178 -14.73 -12.87 4.44
N ASP A 179 -15.55 -13.70 3.79
CA ASP A 179 -15.14 -14.40 2.59
C ASP A 179 -14.76 -13.43 1.49
N LEU A 180 -15.57 -12.38 1.32
CA LEU A 180 -15.30 -11.39 0.29
C LEU A 180 -13.88 -10.81 0.44
N LEU A 181 -13.58 -10.31 1.64
CA LEU A 181 -12.29 -9.71 1.91
C LEU A 181 -11.10 -10.68 1.92
N CYS A 182 -11.34 -11.94 2.28
CA CYS A 182 -10.26 -12.91 2.25
C CYS A 182 -9.77 -13.02 0.81
N ARG A 183 -10.71 -13.29 -0.09
CA ARG A 183 -10.43 -13.43 -1.51
C ARG A 183 -9.96 -12.13 -2.16
N PHE A 184 -10.48 -11.01 -1.68
CA PHE A 184 -10.10 -9.70 -2.21
C PHE A 184 -8.63 -9.44 -1.93
N ASN A 185 -8.22 -9.63 -0.68
CA ASN A 185 -6.86 -9.40 -0.25
C ASN A 185 -5.83 -10.38 -0.81
N ARG A 186 -6.21 -11.63 -0.96
CA ARG A 186 -5.29 -12.60 -1.53
C ARG A 186 -4.99 -12.16 -2.96
N VAL A 187 -6.01 -11.79 -3.71
CA VAL A 187 -5.83 -11.36 -5.09
C VAL A 187 -4.93 -10.12 -5.13
N ASP A 188 -5.08 -9.25 -4.15
CA ASP A 188 -4.26 -8.06 -4.08
C ASP A 188 -2.83 -8.51 -3.85
N TYR A 189 -2.69 -9.45 -2.91
CA TYR A 189 -1.41 -10.00 -2.55
C TYR A 189 -0.71 -10.68 -3.72
N THR A 190 -1.42 -11.54 -4.44
CA THR A 190 -0.87 -12.24 -5.58
C THR A 190 -0.48 -11.26 -6.69
N THR A 191 -1.17 -10.14 -6.74
CA THR A 191 -0.89 -9.12 -7.76
C THR A 191 0.40 -8.38 -7.41
N ALA A 192 0.62 -8.13 -6.12
CA ALA A 192 1.83 -7.47 -5.67
C ALA A 192 3.00 -8.40 -5.99
N VAL A 193 2.80 -9.69 -5.74
CA VAL A 193 3.84 -10.69 -6.03
C VAL A 193 4.17 -10.67 -7.52
N GLY A 194 3.13 -10.59 -8.34
CA GLY A 194 3.33 -10.54 -9.77
C GLY A 194 4.10 -9.31 -10.20
N GLN A 195 3.96 -8.24 -9.42
CA GLN A 195 4.65 -7.00 -9.72
C GLN A 195 6.11 -7.11 -9.31
N LEU A 196 6.38 -8.09 -8.44
CA LEU A 196 7.74 -8.36 -8.00
C LEU A 196 8.42 -8.99 -9.21
N TYR A 197 7.74 -9.97 -9.81
CA TYR A 197 8.23 -10.68 -10.99
C TYR A 197 8.43 -9.74 -12.17
N ASP A 198 7.50 -8.81 -12.36
CA ASP A 198 7.56 -7.85 -13.45
C ASP A 198 8.68 -6.84 -13.23
N VAL A 199 8.75 -6.29 -12.02
CA VAL A 199 9.77 -5.29 -11.69
C VAL A 199 11.21 -5.81 -11.67
N THR A 200 11.39 -7.10 -11.40
CA THR A 200 12.73 -7.70 -11.34
C THR A 200 13.02 -8.74 -12.44
N SER A 201 12.63 -8.43 -13.67
CA SER A 201 12.84 -9.36 -14.78
C SER A 201 14.07 -9.00 -15.63
N MET A 202 14.63 -7.81 -15.40
CA MET A 202 15.82 -7.38 -16.13
C MET A 202 17.06 -7.88 -15.40
N PHE A 203 16.84 -8.38 -14.18
CA PHE A 203 17.91 -8.86 -13.32
C PHE A 203 18.06 -10.38 -13.25
N ASP A 204 19.29 -10.84 -13.49
CA ASP A 204 19.61 -12.26 -13.42
C ASP A 204 19.25 -12.69 -12.00
N SER A 205 18.08 -13.32 -11.84
CA SER A 205 17.61 -13.74 -10.53
C SER A 205 18.65 -14.40 -9.61
N ASN A 206 19.73 -14.92 -10.18
CA ASN A 206 20.77 -15.56 -9.38
C ASN A 206 21.72 -14.53 -8.75
N LYS A 207 21.71 -13.31 -9.29
CA LYS A 207 22.54 -12.22 -8.78
C LYS A 207 21.63 -11.20 -8.08
N LEU A 208 20.58 -11.73 -7.45
CA LEU A 208 19.57 -10.92 -6.77
C LEU A 208 19.81 -10.90 -5.26
N ASP A 209 20.61 -9.95 -4.80
CA ASP A 209 20.94 -9.82 -3.38
C ASP A 209 20.85 -8.36 -2.99
N PRO A 210 20.00 -8.03 -2.01
CA PRO A 210 19.79 -6.66 -1.51
C PRO A 210 21.07 -5.87 -1.23
N ASP A 211 22.02 -6.50 -0.53
CA ASP A 211 23.26 -5.83 -0.14
C ASP A 211 24.33 -5.64 -1.23
N VAL A 212 24.03 -6.05 -2.46
CA VAL A 212 24.97 -5.88 -3.58
C VAL A 212 24.24 -5.57 -4.89
N SER A 213 24.60 -4.45 -5.51
CA SER A 213 23.97 -4.00 -6.75
C SER A 213 24.24 -4.82 -8.01
N GLN A 214 23.52 -4.51 -9.10
CA GLN A 214 23.67 -5.19 -10.39
C GLN A 214 22.89 -4.46 -11.49
N PRO A 215 23.43 -4.40 -12.72
CA PRO A 215 22.73 -3.71 -13.81
C PRO A 215 21.82 -4.57 -14.70
N THR A 216 21.28 -3.93 -15.74
CA THR A 216 20.41 -4.62 -16.69
C THR A 216 21.19 -5.78 -17.29
N THR A 217 20.51 -6.91 -17.45
CA THR A 217 21.12 -8.11 -18.02
C THR A 217 21.57 -7.81 -19.43
N THR A 218 22.59 -8.51 -19.89
CA THR A 218 23.12 -8.34 -21.23
C THR A 218 22.89 -9.58 -22.08
N ASP A 219 22.60 -10.71 -21.42
CA ASP A 219 22.36 -11.96 -22.15
C ASP A 219 20.86 -12.23 -22.23
N PHE A 220 20.09 -11.62 -21.33
CA PHE A 220 18.64 -11.77 -21.32
C PHE A 220 18.18 -13.22 -21.22
N ALA A 221 19.01 -14.06 -20.61
CA ALA A 221 18.66 -15.48 -20.47
C ALA A 221 17.30 -15.66 -19.79
N GLU A 222 16.96 -14.72 -18.91
CA GLU A 222 15.71 -14.74 -18.15
C GLU A 222 14.43 -14.48 -18.97
N PHE A 223 14.60 -13.89 -20.16
CA PHE A 223 13.48 -13.56 -21.03
C PHE A 223 12.86 -14.74 -21.75
N THR A 224 12.25 -15.64 -20.98
CA THR A 224 11.63 -16.83 -21.55
C THR A 224 10.12 -16.84 -21.38
N LEU A 225 9.43 -17.41 -22.37
CA LEU A 225 7.99 -17.50 -22.34
C LEU A 225 7.52 -18.02 -20.99
N SER A 226 8.29 -18.94 -20.41
CA SER A 226 7.95 -19.51 -19.13
C SER A 226 8.04 -18.45 -18.03
N ASN A 227 9.02 -17.56 -18.12
CA ASN A 227 9.16 -16.50 -17.12
C ASN A 227 8.14 -15.41 -17.38
N TYR A 228 7.79 -15.24 -18.65
CA TYR A 228 6.81 -14.24 -19.05
C TYR A 228 5.43 -14.65 -18.52
N LYS A 229 5.09 -15.92 -18.69
CA LYS A 229 3.81 -16.46 -18.27
C LYS A 229 3.56 -16.33 -16.78
N ARG A 230 4.61 -16.48 -15.98
CA ARG A 230 4.47 -16.36 -14.54
C ARG A 230 4.14 -14.91 -14.19
N ILE A 231 4.92 -13.99 -14.77
CA ILE A 231 4.74 -12.56 -14.55
C ILE A 231 3.29 -12.13 -14.83
N VAL A 232 2.81 -12.46 -16.04
CA VAL A 232 1.47 -12.12 -16.46
C VAL A 232 0.35 -12.77 -15.64
N LYS A 233 0.49 -14.05 -15.35
CA LYS A 233 -0.51 -14.76 -14.57
C LYS A 233 -0.78 -14.08 -13.24
N TYR A 234 0.27 -13.64 -12.58
CA TYR A 234 0.17 -13.02 -11.26
C TYR A 234 -0.07 -11.51 -11.20
N LYS A 235 0.60 -10.76 -12.06
CA LYS A 235 0.44 -9.30 -12.04
C LYS A 235 -0.81 -8.79 -12.74
N THR A 236 -1.35 -9.57 -13.67
CA THR A 236 -2.53 -9.15 -14.42
C THR A 236 -3.78 -10.01 -14.27
N ALA A 237 -3.68 -11.27 -14.68
CA ALA A 237 -4.80 -12.22 -14.64
C ALA A 237 -5.75 -12.22 -13.43
N TYR A 238 -5.21 -12.50 -12.25
CA TYR A 238 -6.02 -12.58 -11.02
C TYR A 238 -6.92 -11.40 -10.70
N TYR A 239 -6.36 -10.21 -10.66
CA TYR A 239 -7.16 -9.03 -10.33
C TYR A 239 -8.00 -8.47 -11.47
N THR A 240 -7.59 -8.74 -12.71
CA THR A 240 -8.31 -8.24 -13.87
C THR A 240 -9.47 -9.13 -14.36
N TYR A 241 -9.33 -10.44 -14.18
CA TYR A 241 -10.38 -11.36 -14.64
C TYR A 241 -11.02 -12.24 -13.57
N LEU A 242 -10.22 -12.86 -12.72
CA LEU A 242 -10.75 -13.75 -11.70
C LEU A 242 -11.48 -13.02 -10.57
N LEU A 243 -10.92 -11.90 -10.13
CA LEU A 243 -11.51 -11.13 -9.04
C LEU A 243 -12.93 -10.63 -9.38
N PRO A 244 -13.12 -9.94 -10.52
CA PRO A 244 -14.45 -9.44 -10.91
C PRO A 244 -15.48 -10.57 -10.94
N LEU A 245 -15.07 -11.74 -11.42
CA LEU A 245 -15.96 -12.89 -11.48
C LEU A 245 -16.40 -13.42 -10.11
N VAL A 246 -15.43 -13.56 -9.21
CA VAL A 246 -15.71 -14.07 -7.86
C VAL A 246 -16.55 -13.14 -7.00
N MET A 247 -16.31 -11.84 -7.09
CA MET A 247 -17.07 -10.91 -6.28
C MET A 247 -18.52 -10.91 -6.75
N GLY A 248 -18.72 -11.01 -8.06
CA GLY A 248 -20.07 -11.06 -8.60
C GLY A 248 -20.76 -12.32 -8.16
N LEU A 249 -19.98 -13.40 -8.00
CA LEU A 249 -20.50 -14.69 -7.57
C LEU A 249 -20.84 -14.68 -6.08
N ILE A 250 -20.05 -13.93 -5.30
CA ILE A 250 -20.23 -13.83 -3.86
C ILE A 250 -21.46 -13.04 -3.44
N VAL A 251 -21.68 -11.88 -4.05
CA VAL A 251 -22.85 -11.06 -3.74
C VAL A 251 -24.10 -11.76 -4.26
N SER A 252 -23.93 -12.62 -5.27
CA SER A 252 -25.04 -13.36 -5.85
C SER A 252 -25.30 -14.64 -5.06
N GLU A 253 -24.41 -14.94 -4.12
CA GLU A 253 -24.53 -16.13 -3.29
C GLU A 253 -24.69 -17.33 -4.21
N ALA A 254 -23.74 -17.48 -5.13
CA ALA A 254 -23.78 -18.56 -6.10
C ALA A 254 -22.42 -19.18 -6.36
N LEU A 255 -21.40 -18.71 -5.65
CA LEU A 255 -20.04 -19.23 -5.85
C LEU A 255 -19.94 -20.76 -5.88
N PRO A 256 -20.60 -21.46 -4.94
CA PRO A 256 -20.52 -22.93 -4.94
C PRO A 256 -21.20 -23.63 -6.14
N THR A 257 -21.97 -22.88 -6.92
CA THR A 257 -22.65 -23.48 -8.07
C THR A 257 -21.72 -23.71 -9.28
N VAL A 258 -20.82 -22.77 -9.55
CA VAL A 258 -19.91 -22.89 -10.69
C VAL A 258 -18.70 -23.78 -10.46
N ASP A 259 -18.13 -24.26 -11.56
CA ASP A 259 -16.93 -25.08 -11.51
C ASP A 259 -15.77 -24.09 -11.33
N MET A 260 -15.34 -23.92 -10.08
CA MET A 260 -14.27 -22.98 -9.78
C MET A 260 -12.98 -23.28 -10.55
N GLY A 261 -12.78 -24.55 -10.89
CA GLY A 261 -11.58 -24.93 -11.63
C GLY A 261 -11.57 -24.43 -13.06
N VAL A 262 -12.68 -24.64 -13.77
CA VAL A 262 -12.79 -24.19 -15.16
C VAL A 262 -12.80 -22.67 -15.17
N THR A 263 -13.45 -22.09 -14.16
CA THR A 263 -13.53 -20.64 -14.03
C THR A 263 -12.12 -20.10 -13.88
N GLU A 264 -11.30 -20.79 -13.08
CA GLU A 264 -9.94 -20.36 -12.84
C GLU A 264 -9.12 -20.47 -14.13
N GLU A 265 -9.32 -21.57 -14.86
CA GLU A 265 -8.60 -21.79 -16.12
C GLU A 265 -8.89 -20.66 -17.09
N LEU A 266 -10.15 -20.23 -17.17
CA LEU A 266 -10.56 -19.15 -18.07
C LEU A 266 -9.94 -17.82 -17.65
N ALA A 267 -9.98 -17.52 -16.36
CA ALA A 267 -9.44 -16.28 -15.84
C ALA A 267 -7.96 -16.12 -16.16
N MET A 268 -7.22 -17.22 -16.07
CA MET A 268 -5.78 -17.20 -16.35
C MET A 268 -5.54 -17.05 -17.85
N LEU A 269 -6.34 -17.76 -18.63
CA LEU A 269 -6.22 -17.71 -20.08
C LEU A 269 -6.54 -16.33 -20.63
N MET A 270 -7.69 -15.78 -20.25
CA MET A 270 -8.10 -14.46 -20.71
C MET A 270 -7.18 -13.39 -20.14
N GLY A 271 -6.62 -13.67 -18.97
CA GLY A 271 -5.72 -12.73 -18.33
C GLY A 271 -4.42 -12.60 -19.11
N GLU A 272 -3.79 -13.73 -19.38
CA GLU A 272 -2.55 -13.75 -20.13
C GLU A 272 -2.72 -13.02 -21.46
N TYR A 273 -3.71 -13.46 -22.21
CA TYR A 273 -4.05 -12.89 -23.50
C TYR A 273 -4.19 -11.39 -23.39
N PHE A 274 -4.92 -10.95 -22.37
CA PHE A 274 -5.15 -9.54 -22.09
C PHE A 274 -3.84 -8.79 -21.91
N GLN A 275 -2.90 -9.41 -21.21
CA GLN A 275 -1.61 -8.79 -20.97
C GLN A 275 -0.72 -8.82 -22.21
N VAL A 276 -0.90 -9.84 -23.04
CA VAL A 276 -0.12 -9.95 -24.27
C VAL A 276 -0.52 -8.79 -25.18
N GLN A 277 -1.79 -8.41 -25.10
CA GLN A 277 -2.30 -7.31 -25.90
C GLN A 277 -1.71 -6.01 -25.43
N ASP A 278 -1.73 -5.79 -24.11
CA ASP A 278 -1.18 -4.58 -23.51
C ASP A 278 0.27 -4.40 -23.97
N ASP A 279 1.03 -5.49 -23.98
CA ASP A 279 2.43 -5.44 -24.39
C ASP A 279 2.64 -5.03 -25.84
N VAL A 280 1.79 -5.51 -26.74
CA VAL A 280 1.89 -5.15 -28.15
C VAL A 280 1.40 -3.72 -28.33
N MET A 281 0.31 -3.37 -27.66
CA MET A 281 -0.24 -2.03 -27.76
C MET A 281 0.78 -1.02 -27.21
N ASP A 282 1.55 -1.44 -26.22
CA ASP A 282 2.54 -0.56 -25.61
C ASP A 282 3.57 -0.09 -26.63
N CYS A 283 3.80 -0.93 -27.64
CA CYS A 283 4.77 -0.60 -28.68
C CYS A 283 4.23 -0.11 -30.01
N PHE A 284 3.07 -0.64 -30.42
CA PHE A 284 2.49 -0.27 -31.72
C PHE A 284 1.29 0.65 -31.76
N THR A 285 0.44 0.61 -30.74
CA THR A 285 -0.74 1.46 -30.70
C THR A 285 -0.38 2.91 -30.38
N PRO A 286 -0.81 3.86 -31.24
CA PRO A 286 -0.52 5.28 -31.03
C PRO A 286 -0.95 5.77 -29.63
N PRO A 287 -0.07 6.53 -28.97
CA PRO A 287 -0.30 7.07 -27.63
C PRO A 287 -1.68 7.69 -27.40
N GLU A 288 -2.25 8.31 -28.43
CA GLU A 288 -3.56 8.94 -28.29
C GLU A 288 -4.69 7.93 -28.32
N ARG A 289 -4.48 6.81 -29.00
CA ARG A 289 -5.50 5.78 -29.09
C ARG A 289 -5.46 4.89 -27.84
N LEU A 290 -4.30 4.84 -27.18
CA LEU A 290 -4.13 4.03 -25.98
C LEU A 290 -4.32 4.92 -24.75
N GLY A 291 -3.96 6.18 -24.91
CA GLY A 291 -4.09 7.14 -23.81
C GLY A 291 -2.87 7.16 -22.91
N LYS A 292 -1.80 6.48 -23.33
CA LYS A 292 -0.58 6.41 -22.53
C LYS A 292 0.65 6.12 -23.39
N VAL A 293 1.78 6.68 -22.98
CA VAL A 293 3.05 6.49 -23.69
C VAL A 293 3.83 5.31 -23.13
N GLY A 294 4.04 4.30 -23.97
CA GLY A 294 4.74 3.08 -23.55
C GLY A 294 6.14 3.27 -23.01
N THR A 295 6.50 2.41 -22.07
CA THR A 295 7.83 2.48 -21.45
C THR A 295 8.53 1.13 -21.34
N ASP A 296 7.92 0.07 -21.88
CA ASP A 296 8.51 -1.27 -21.83
C ASP A 296 9.92 -1.33 -22.42
N ILE A 297 10.10 -0.77 -23.61
CA ILE A 297 11.43 -0.81 -24.23
C ILE A 297 12.44 -0.05 -23.38
N GLN A 298 12.09 1.14 -22.93
CA GLN A 298 13.02 1.91 -22.11
C GLN A 298 13.26 1.21 -20.78
N ASP A 299 12.21 0.62 -20.20
CA ASP A 299 12.33 -0.05 -18.92
C ASP A 299 12.84 -1.47 -19.02
N ALA A 300 13.32 -1.84 -20.21
CA ALA A 300 13.85 -3.19 -20.46
C ALA A 300 12.94 -4.26 -19.88
N LYS A 301 11.64 -4.09 -20.05
CA LYS A 301 10.66 -5.03 -19.52
C LYS A 301 10.64 -6.36 -20.27
N CYS A 302 10.31 -7.43 -19.55
CA CYS A 302 10.22 -8.73 -20.15
C CYS A 302 8.80 -8.82 -20.72
N SER A 303 8.60 -8.16 -21.87
CA SER A 303 7.29 -8.14 -22.52
C SER A 303 7.12 -9.40 -23.35
N TRP A 304 5.94 -9.54 -23.95
CA TRP A 304 5.68 -10.69 -24.80
C TRP A 304 6.47 -10.51 -26.08
N LEU A 305 6.51 -9.27 -26.55
CA LEU A 305 7.23 -8.92 -27.77
C LEU A 305 8.72 -9.21 -27.62
N ALA A 306 9.23 -9.05 -26.41
CA ALA A 306 10.65 -9.28 -26.14
C ALA A 306 11.03 -10.76 -26.12
N VAL A 307 10.24 -11.57 -25.40
CA VAL A 307 10.51 -13.00 -25.30
C VAL A 307 10.17 -13.76 -26.58
N THR A 308 9.25 -13.22 -27.37
CA THR A 308 8.86 -13.86 -28.63
C THR A 308 9.89 -13.55 -29.71
N PHE A 309 10.48 -12.36 -29.62
CA PHE A 309 11.50 -11.92 -30.56
C PHE A 309 12.74 -12.77 -30.35
N LEU A 310 13.30 -12.70 -29.14
CA LEU A 310 14.52 -13.45 -28.80
C LEU A 310 14.41 -14.94 -29.11
N ALA A 311 13.18 -15.46 -29.08
CA ALA A 311 12.94 -16.87 -29.34
C ALA A 311 13.05 -17.26 -30.81
N LYS A 312 12.74 -16.31 -31.71
CA LYS A 312 12.78 -16.59 -33.15
C LYS A 312 13.86 -15.88 -33.94
N ALA A 313 14.22 -14.67 -33.51
CA ALA A 313 15.23 -13.87 -34.20
C ALA A 313 16.58 -14.53 -34.42
N SER A 314 17.31 -14.02 -35.41
CA SER A 314 18.63 -14.54 -35.76
C SER A 314 19.77 -13.79 -35.06
N SER A 315 20.94 -14.45 -35.03
CA SER A 315 22.14 -13.92 -34.40
C SER A 315 22.30 -12.41 -34.43
N ALA A 316 22.25 -11.82 -35.62
CA ALA A 316 22.42 -10.38 -35.76
C ALA A 316 21.26 -9.62 -35.11
N GLN A 317 20.04 -10.09 -35.36
CA GLN A 317 18.83 -9.48 -34.82
C GLN A 317 18.87 -9.42 -33.30
N VAL A 318 19.18 -10.56 -32.69
CA VAL A 318 19.26 -10.68 -31.24
C VAL A 318 20.39 -9.79 -30.68
N ALA A 319 21.43 -9.62 -31.48
CA ALA A 319 22.57 -8.81 -31.08
C ALA A 319 22.21 -7.32 -31.08
N GLU A 320 21.62 -6.84 -32.17
CA GLU A 320 21.23 -5.44 -32.28
C GLU A 320 20.21 -5.07 -31.22
N PHE A 321 19.54 -6.09 -30.69
CA PHE A 321 18.53 -5.93 -29.65
C PHE A 321 19.22 -5.66 -28.32
N LYS A 322 20.05 -6.60 -27.88
CA LYS A 322 20.77 -6.47 -26.61
C LYS A 322 21.59 -5.17 -26.57
N ALA A 323 21.87 -4.62 -27.74
CA ALA A 323 22.67 -3.39 -27.82
C ALA A 323 21.86 -2.09 -27.83
N ASN A 324 20.54 -2.19 -28.03
CA ASN A 324 19.69 -1.01 -28.06
C ASN A 324 18.50 -1.09 -27.09
N TYR A 325 18.39 -2.19 -26.37
CA TYR A 325 17.28 -2.36 -25.44
C TYR A 325 17.56 -1.82 -24.05
N GLY A 326 16.48 -1.39 -23.38
CA GLY A 326 16.59 -0.85 -22.04
C GLY A 326 17.25 0.51 -21.97
N SER A 327 16.98 1.37 -22.95
CA SER A 327 17.58 2.70 -22.98
C SER A 327 16.58 3.79 -23.36
N GLY A 328 16.91 5.02 -22.98
CA GLY A 328 16.04 6.15 -23.28
C GLY A 328 16.28 6.75 -24.65
N ASP A 329 17.50 6.57 -25.18
CA ASP A 329 17.85 7.12 -26.49
C ASP A 329 16.78 6.73 -27.53
N SER A 330 16.35 7.68 -28.35
CA SER A 330 15.32 7.42 -29.37
C SER A 330 15.77 6.56 -30.55
N GLU A 331 16.99 6.74 -31.03
CA GLU A 331 17.45 5.94 -32.14
C GLU A 331 17.65 4.51 -31.63
N LYS A 332 17.85 4.37 -30.33
CA LYS A 332 17.98 3.05 -29.72
C LYS A 332 16.59 2.44 -29.61
N VAL A 333 15.63 3.29 -29.22
CA VAL A 333 14.23 2.88 -29.07
C VAL A 333 13.64 2.52 -30.43
N ALA A 334 13.86 3.40 -31.40
CA ALA A 334 13.39 3.18 -32.76
C ALA A 334 13.86 1.80 -33.22
N THR A 335 15.16 1.56 -33.08
CA THR A 335 15.77 0.30 -33.47
C THR A 335 14.99 -0.91 -32.94
N VAL A 336 14.64 -0.89 -31.65
CA VAL A 336 13.90 -2.02 -31.06
C VAL A 336 12.51 -2.15 -31.67
N ARG A 337 11.85 -1.03 -31.93
CA ARG A 337 10.53 -1.06 -32.52
C ARG A 337 10.71 -1.71 -33.89
N ARG A 338 11.58 -1.11 -34.70
CA ARG A 338 11.86 -1.63 -36.04
C ARG A 338 12.12 -3.13 -36.00
N LEU A 339 13.14 -3.53 -35.23
CA LEU A 339 13.50 -4.93 -35.12
C LEU A 339 12.29 -5.82 -34.85
N TYR A 340 11.32 -5.31 -34.09
CA TYR A 340 10.11 -6.07 -33.80
C TYR A 340 9.37 -6.31 -35.11
N GLU A 341 9.10 -5.24 -35.84
CA GLU A 341 8.39 -5.34 -37.10
C GLU A 341 9.16 -6.25 -38.07
N GLU A 342 10.45 -5.96 -38.24
CA GLU A 342 11.32 -6.74 -39.11
C GLU A 342 11.16 -8.23 -38.87
N ALA A 343 11.03 -8.60 -37.59
CA ALA A 343 10.87 -10.00 -37.21
C ALA A 343 9.44 -10.51 -37.35
N ASP A 344 8.54 -9.61 -37.76
CA ASP A 344 7.14 -9.94 -37.96
C ASP A 344 6.54 -10.67 -36.78
N LEU A 345 6.37 -9.96 -35.67
CA LEU A 345 5.80 -10.53 -34.47
C LEU A 345 4.27 -10.55 -34.54
N GLN A 346 3.72 -9.69 -35.39
CA GLN A 346 2.27 -9.58 -35.54
C GLN A 346 1.66 -10.87 -36.08
N GLY A 347 2.51 -11.71 -36.68
CA GLY A 347 2.04 -12.98 -37.19
C GLY A 347 2.04 -14.04 -36.12
N ASP A 348 3.02 -13.96 -35.21
CA ASP A 348 3.10 -14.92 -34.11
C ASP A 348 1.89 -14.62 -33.24
N TYR A 349 1.62 -13.33 -33.08
CA TYR A 349 0.50 -12.87 -32.28
C TYR A 349 -0.81 -13.52 -32.72
N VAL A 350 -1.16 -13.32 -34.00
CA VAL A 350 -2.40 -13.87 -34.57
C VAL A 350 -2.55 -15.37 -34.30
N ALA A 351 -1.47 -16.11 -34.50
CA ALA A 351 -1.48 -17.56 -34.27
C ALA A 351 -1.77 -17.83 -32.79
N TYR A 352 -1.24 -16.96 -31.93
CA TYR A 352 -1.44 -17.06 -30.49
C TYR A 352 -2.89 -16.72 -30.13
N GLU A 353 -3.39 -15.66 -30.75
CA GLU A 353 -4.75 -15.20 -30.52
C GLU A 353 -5.77 -16.26 -30.91
N ALA A 354 -5.49 -16.95 -32.02
CA ALA A 354 -6.37 -18.01 -32.52
C ALA A 354 -6.32 -19.18 -31.56
N ALA A 355 -5.12 -19.51 -31.10
CA ALA A 355 -4.93 -20.59 -30.15
C ALA A 355 -5.82 -20.35 -28.92
N VAL A 356 -5.69 -19.17 -28.33
CA VAL A 356 -6.47 -18.79 -27.15
C VAL A 356 -7.97 -18.78 -27.45
N ALA A 357 -8.35 -18.04 -28.50
CA ALA A 357 -9.75 -17.92 -28.91
C ALA A 357 -10.54 -19.23 -28.89
N GLU A 358 -9.95 -20.32 -29.40
CA GLU A 358 -10.65 -21.60 -29.42
C GLU A 358 -10.47 -22.36 -28.10
N GLN A 359 -9.45 -22.00 -27.33
CA GLN A 359 -9.20 -22.64 -26.05
C GLN A 359 -10.21 -22.07 -25.06
N VAL A 360 -10.53 -20.79 -25.24
CA VAL A 360 -11.49 -20.08 -24.40
C VAL A 360 -12.91 -20.58 -24.72
N LYS A 361 -13.18 -20.78 -26.00
CA LYS A 361 -14.48 -21.26 -26.45
C LYS A 361 -14.78 -22.63 -25.85
N GLU A 362 -13.78 -23.49 -25.87
CA GLU A 362 -13.89 -24.85 -25.34
C GLU A 362 -14.19 -24.84 -23.85
N LEU A 363 -13.43 -24.05 -23.09
CA LEU A 363 -13.62 -23.96 -21.65
C LEU A 363 -15.01 -23.44 -21.29
N ILE A 364 -15.48 -22.43 -22.02
CA ILE A 364 -16.79 -21.83 -21.79
C ILE A 364 -17.90 -22.85 -22.00
N GLU A 365 -17.70 -23.78 -22.93
CA GLU A 365 -18.72 -24.80 -23.18
C GLU A 365 -18.72 -25.80 -22.04
N LYS A 366 -17.55 -26.00 -21.45
CA LYS A 366 -17.45 -26.91 -20.31
C LYS A 366 -18.14 -26.25 -19.13
N LEU A 367 -18.11 -24.92 -19.12
CA LEU A 367 -18.75 -24.17 -18.05
C LEU A 367 -20.26 -24.06 -18.26
N ARG A 368 -20.64 -23.82 -19.52
CA ARG A 368 -22.04 -23.65 -19.91
C ARG A 368 -22.89 -24.86 -19.51
N LEU A 369 -22.27 -26.03 -19.49
CA LEU A 369 -22.98 -27.26 -19.14
C LEU A 369 -23.74 -27.21 -17.81
N CYS A 370 -23.05 -26.86 -16.73
CA CYS A 370 -23.65 -26.82 -15.40
C CYS A 370 -24.03 -25.43 -14.89
N SER A 371 -23.57 -24.38 -15.58
CA SER A 371 -23.89 -23.01 -15.17
C SER A 371 -23.96 -22.12 -16.40
N PRO A 372 -25.10 -22.17 -17.13
CA PRO A 372 -25.36 -21.39 -18.34
C PRO A 372 -25.45 -19.89 -18.05
N GLY A 373 -25.94 -19.57 -16.86
CA GLY A 373 -26.07 -18.18 -16.48
C GLY A 373 -24.69 -17.55 -16.37
N PHE A 374 -23.78 -18.28 -15.74
CA PHE A 374 -22.42 -17.80 -15.56
C PHE A 374 -21.70 -17.81 -16.91
N ALA A 375 -21.91 -18.89 -17.67
CA ALA A 375 -21.29 -19.03 -18.99
C ALA A 375 -21.48 -17.81 -19.88
N ALA A 376 -22.71 -17.31 -19.92
CA ALA A 376 -23.03 -16.14 -20.75
C ALA A 376 -22.24 -14.91 -20.32
N SER A 377 -22.28 -14.60 -19.03
CA SER A 377 -21.56 -13.44 -18.50
C SER A 377 -20.06 -13.58 -18.76
N VAL A 378 -19.57 -14.82 -18.75
CA VAL A 378 -18.15 -15.06 -18.98
C VAL A 378 -17.78 -14.77 -20.44
N GLU A 379 -18.68 -15.10 -21.35
CA GLU A 379 -18.43 -14.87 -22.77
C GLU A 379 -18.44 -13.39 -23.13
N THR A 380 -19.19 -12.60 -22.36
CA THR A 380 -19.28 -11.17 -22.58
C THR A 380 -17.95 -10.55 -22.21
N LEU A 381 -17.35 -11.08 -21.14
CA LEU A 381 -16.05 -10.62 -20.69
C LEU A 381 -15.02 -10.94 -21.77
N TRP A 382 -15.10 -12.13 -22.34
CA TRP A 382 -14.19 -12.54 -23.39
C TRP A 382 -14.36 -11.62 -24.59
N GLY A 383 -15.60 -11.47 -25.05
CA GLY A 383 -15.89 -10.63 -26.20
C GLY A 383 -15.35 -9.23 -26.05
N LYS A 384 -15.30 -8.75 -24.80
CA LYS A 384 -14.80 -7.42 -24.51
C LYS A 384 -13.28 -7.41 -24.59
N THR A 385 -12.69 -8.59 -24.59
CA THR A 385 -11.24 -8.74 -24.65
C THR A 385 -10.73 -9.04 -26.05
N TYR A 386 -11.32 -10.05 -26.67
CA TYR A 386 -10.96 -10.48 -28.01
C TYR A 386 -10.83 -9.34 -29.03
N LYS A 387 -9.62 -9.19 -29.58
CA LYS A 387 -9.33 -8.16 -30.58
C LYS A 387 -9.66 -6.72 -30.19
N ARG A 388 -9.46 -6.37 -28.93
CA ARG A 388 -9.73 -5.01 -28.48
C ARG A 388 -8.65 -4.05 -28.98
N GLN A 389 -9.03 -2.80 -29.15
CA GLN A 389 -8.09 -1.77 -29.60
C GLN A 389 -7.92 -0.87 -28.40
N LYS A 390 -8.97 -0.82 -27.58
CA LYS A 390 -9.01 -0.02 -26.36
C LYS A 390 -8.98 1.49 -26.57
N MET B 24 11.57 -14.01 28.11
CA MET B 24 10.59 -15.03 27.63
C MET B 24 9.61 -14.39 26.61
N PRO B 25 9.10 -13.18 26.91
CA PRO B 25 8.18 -12.56 25.95
C PRO B 25 8.84 -12.39 24.60
N MET B 26 10.00 -11.74 24.59
CA MET B 26 10.78 -11.50 23.37
C MET B 26 11.10 -12.81 22.65
N GLN B 27 11.45 -13.84 23.42
CA GLN B 27 11.81 -15.16 22.88
C GLN B 27 10.65 -15.86 22.19
N MET B 28 9.50 -15.92 22.87
CA MET B 28 8.30 -16.55 22.33
C MET B 28 7.76 -15.73 21.16
N PHE B 29 8.06 -14.44 21.20
CA PHE B 29 7.62 -13.51 20.17
C PHE B 29 8.45 -13.79 18.92
N MET B 30 9.75 -13.97 19.12
CA MET B 30 10.68 -14.23 18.02
C MET B 30 10.57 -15.62 17.43
N GLN B 31 9.80 -16.50 18.08
CA GLN B 31 9.63 -17.84 17.55
C GLN B 31 8.40 -17.89 16.67
N VAL B 32 7.36 -17.15 17.07
CA VAL B 32 6.14 -17.08 16.29
C VAL B 32 6.53 -16.39 15.00
N TYR B 33 7.53 -15.52 15.09
CA TYR B 33 8.02 -14.79 13.93
C TYR B 33 8.39 -15.79 12.85
N ASP B 34 9.32 -16.68 13.19
CA ASP B 34 9.77 -17.71 12.25
C ASP B 34 8.60 -18.55 11.77
N GLU B 35 7.70 -18.87 12.69
CA GLU B 35 6.52 -19.66 12.35
C GLU B 35 5.70 -18.93 11.28
N ILE B 36 5.80 -17.60 11.29
CA ILE B 36 5.11 -16.72 10.36
C ILE B 36 5.90 -16.57 9.06
N GLN B 37 7.22 -16.48 9.18
CA GLN B 37 8.09 -16.32 8.02
C GLN B 37 8.11 -17.61 7.22
N MET B 38 8.11 -18.74 7.93
CA MET B 38 8.13 -20.04 7.27
C MET B 38 6.88 -20.13 6.40
N PHE B 39 5.73 -19.96 7.03
CA PHE B 39 4.46 -20.03 6.32
C PHE B 39 4.43 -19.15 5.07
N LEU B 40 4.83 -17.89 5.22
CA LEU B 40 4.84 -16.95 4.12
C LEU B 40 5.72 -17.40 2.96
N LEU B 41 6.98 -17.65 3.25
CA LEU B 41 7.90 -18.06 2.19
C LEU B 41 7.60 -19.42 1.57
N GLU B 42 7.21 -20.40 2.39
CA GLU B 42 6.91 -21.73 1.89
C GLU B 42 5.66 -21.72 1.01
N GLU B 43 4.77 -20.75 1.25
CA GLU B 43 3.56 -20.65 0.46
C GLU B 43 3.93 -20.15 -0.94
N LEU B 44 4.80 -19.14 -0.97
CA LEU B 44 5.27 -18.54 -2.21
C LEU B 44 6.03 -19.53 -3.08
N GLU B 45 6.59 -20.55 -2.46
CA GLU B 45 7.39 -21.54 -3.17
C GLU B 45 6.56 -22.46 -4.05
N LEU B 46 5.41 -22.88 -3.54
CA LEU B 46 4.55 -23.77 -4.28
C LEU B 46 3.30 -23.13 -4.90
N LYS B 47 2.55 -22.40 -4.08
CA LYS B 47 1.31 -21.78 -4.53
C LYS B 47 1.48 -20.47 -5.32
N PHE B 48 2.69 -19.96 -5.39
CA PHE B 48 2.94 -18.71 -6.12
C PHE B 48 4.00 -18.87 -7.19
N ASP B 49 4.54 -20.08 -7.28
CA ASP B 49 5.53 -20.42 -8.30
C ASP B 49 6.79 -19.56 -8.26
N MET B 50 7.28 -19.27 -7.07
CA MET B 50 8.48 -18.43 -6.95
C MET B 50 9.79 -19.23 -6.93
N ASP B 51 10.81 -18.68 -7.58
CA ASP B 51 12.12 -19.29 -7.63
C ASP B 51 12.84 -19.12 -6.28
N PRO B 52 13.72 -20.06 -5.92
CA PRO B 52 14.44 -19.98 -4.65
C PRO B 52 15.16 -18.65 -4.41
N ASN B 53 15.52 -17.96 -5.49
CA ASN B 53 16.22 -16.69 -5.40
C ASN B 53 15.32 -15.56 -4.88
N ARG B 54 14.14 -15.41 -5.47
CA ARG B 54 13.23 -14.38 -5.03
C ARG B 54 12.74 -14.66 -3.61
N VAL B 55 12.66 -15.93 -3.25
CA VAL B 55 12.23 -16.35 -1.91
C VAL B 55 13.31 -15.93 -0.92
N ARG B 56 14.54 -15.82 -1.43
CA ARG B 56 15.69 -15.42 -0.62
C ARG B 56 15.63 -13.91 -0.46
N TYR B 57 15.35 -13.23 -1.57
CA TYR B 57 15.26 -11.78 -1.57
C TYR B 57 14.19 -11.27 -0.62
N LEU B 58 13.08 -11.99 -0.55
CA LEU B 58 11.98 -11.59 0.34
C LEU B 58 12.27 -11.93 1.78
N ARG B 59 13.04 -13.00 2.00
CA ARG B 59 13.39 -13.41 3.35
C ARG B 59 14.29 -12.36 3.97
N LYS B 60 15.25 -11.88 3.18
CA LYS B 60 16.18 -10.87 3.64
C LYS B 60 15.47 -9.53 3.84
N MET B 61 14.53 -9.23 2.93
CA MET B 61 13.75 -8.00 2.97
C MET B 61 12.88 -8.00 4.22
N MET B 62 12.28 -9.16 4.49
CA MET B 62 11.40 -9.34 5.66
C MET B 62 12.19 -9.20 6.95
N ASP B 63 13.42 -9.71 6.96
CA ASP B 63 14.29 -9.66 8.13
C ASP B 63 14.92 -8.28 8.34
N THR B 64 15.22 -7.60 7.22
CA THR B 64 15.84 -6.28 7.27
C THR B 64 14.86 -5.16 7.59
N THR B 65 13.59 -5.34 7.23
CA THR B 65 12.58 -4.32 7.46
C THR B 65 11.73 -4.56 8.71
N CYS B 66 11.57 -5.81 9.10
CA CYS B 66 10.78 -6.13 10.28
C CYS B 66 11.63 -6.35 11.53
N LEU B 67 12.93 -6.55 11.32
CA LEU B 67 13.85 -6.78 12.42
C LEU B 67 14.89 -5.64 12.49
N GLY B 68 15.44 -5.44 13.68
CA GLY B 68 16.41 -4.37 13.88
C GLY B 68 15.89 -3.32 14.86
N GLY B 69 14.57 -3.26 15.00
CA GLY B 69 13.95 -2.32 15.92
C GLY B 69 13.91 -2.88 17.32
N LYS B 70 13.15 -2.23 18.19
CA LYS B 70 13.03 -2.66 19.58
C LYS B 70 11.73 -3.41 19.86
N TYR B 71 10.86 -3.48 18.85
CA TYR B 71 9.59 -4.19 18.98
C TYR B 71 8.69 -3.74 20.12
N ASN B 72 8.63 -2.43 20.35
CA ASN B 72 7.80 -1.93 21.42
C ASN B 72 6.30 -2.06 21.21
N ARG B 73 5.87 -1.99 19.95
CA ARG B 73 4.45 -2.10 19.65
C ARG B 73 3.99 -3.55 19.77
N GLY B 74 4.76 -4.47 19.19
CA GLY B 74 4.40 -5.87 19.25
C GLY B 74 4.34 -6.35 20.69
N LEU B 75 5.46 -6.15 21.40
CA LEU B 75 5.58 -6.56 22.80
C LEU B 75 4.46 -6.04 23.69
N THR B 76 3.99 -4.82 23.42
CA THR B 76 2.92 -4.22 24.21
C THR B 76 1.65 -5.05 24.10
N VAL B 77 1.34 -5.50 22.88
CA VAL B 77 0.16 -6.32 22.61
C VAL B 77 0.14 -7.59 23.46
N ILE B 78 1.30 -8.22 23.58
CA ILE B 78 1.46 -9.45 24.37
C ILE B 78 1.26 -9.16 25.84
N ASP B 79 1.82 -8.04 26.29
CA ASP B 79 1.73 -7.64 27.68
C ASP B 79 0.28 -7.35 28.05
N VAL B 80 -0.37 -6.50 27.26
CA VAL B 80 -1.77 -6.15 27.48
C VAL B 80 -2.60 -7.43 27.55
N ALA B 81 -2.40 -8.31 26.57
CA ALA B 81 -3.14 -9.56 26.46
C ALA B 81 -3.04 -10.50 27.65
N GLU B 82 -1.83 -10.91 28.00
CA GLU B 82 -1.66 -11.84 29.13
C GLU B 82 -2.00 -11.15 30.45
N SER B 83 -2.04 -9.82 30.44
CA SER B 83 -2.38 -9.07 31.64
C SER B 83 -3.88 -9.11 31.89
N LEU B 84 -4.65 -9.38 30.84
CA LEU B 84 -6.10 -9.38 30.97
C LEU B 84 -6.85 -10.70 31.05
N LEU B 85 -6.15 -11.83 30.90
CA LEU B 85 -6.84 -13.11 30.98
C LEU B 85 -7.13 -13.54 32.43
N SER B 86 -8.28 -13.07 32.94
CA SER B 86 -8.73 -13.38 34.30
C SER B 86 -10.20 -13.74 34.26
N ASP B 97 -7.26 -21.91 31.99
CA ASP B 97 -7.61 -23.18 31.38
C ASP B 97 -6.41 -23.74 30.59
N GLY B 98 -5.25 -23.73 31.23
CA GLY B 98 -4.03 -24.24 30.61
C GLY B 98 -3.72 -23.79 29.18
N ALA B 99 -4.32 -24.47 28.21
CA ALA B 99 -4.09 -24.13 26.80
C ALA B 99 -4.77 -22.82 26.41
N ARG B 100 -5.88 -22.49 27.07
CA ARG B 100 -6.58 -21.24 26.75
C ARG B 100 -5.59 -20.09 26.82
N ARG B 101 -4.72 -20.14 27.83
CA ARG B 101 -3.71 -19.09 28.02
C ARG B 101 -2.70 -18.98 26.89
N LYS B 102 -2.11 -20.10 26.49
CA LYS B 102 -1.10 -20.11 25.42
C LYS B 102 -1.75 -19.83 24.08
N ARG B 103 -3.05 -20.07 24.01
CA ARG B 103 -3.80 -19.79 22.79
C ARG B 103 -3.75 -18.28 22.63
N VAL B 104 -4.25 -17.58 23.65
CA VAL B 104 -4.30 -16.11 23.68
C VAL B 104 -2.89 -15.55 23.51
N LEU B 105 -1.91 -16.24 24.07
CA LEU B 105 -0.50 -15.83 23.97
C LEU B 105 -0.01 -15.84 22.53
N HIS B 106 -0.42 -16.86 21.77
CA HIS B 106 -0.02 -16.97 20.38
C HIS B 106 -0.73 -15.91 19.53
N ASP B 107 -2.03 -15.75 19.77
CA ASP B 107 -2.82 -14.75 19.06
C ASP B 107 -2.24 -13.35 19.27
N ALA B 108 -1.77 -13.08 20.49
CA ALA B 108 -1.17 -11.78 20.81
C ALA B 108 0.15 -11.58 20.06
N CYS B 109 0.88 -12.66 19.82
CA CYS B 109 2.14 -12.58 19.10
C CYS B 109 1.91 -12.29 17.62
N VAL B 110 0.85 -12.89 17.07
CA VAL B 110 0.49 -12.70 15.67
C VAL B 110 0.13 -11.23 15.47
N CYS B 111 -0.69 -10.70 16.37
CA CYS B 111 -1.11 -9.30 16.32
C CYS B 111 0.13 -8.44 16.50
N GLY B 112 1.02 -8.88 17.38
CA GLY B 112 2.24 -8.14 17.61
C GLY B 112 3.03 -7.96 16.34
N TRP B 113 3.06 -8.99 15.49
CA TRP B 113 3.79 -8.91 14.24
C TRP B 113 3.04 -8.21 13.12
N MET B 114 1.72 -8.16 13.23
CA MET B 114 0.92 -7.47 12.23
C MET B 114 1.23 -5.98 12.29
N ILE B 115 1.46 -5.46 13.50
CA ILE B 115 1.78 -4.06 13.68
C ILE B 115 3.24 -3.82 13.29
N GLU B 116 4.09 -4.76 13.67
CA GLU B 116 5.52 -4.66 13.34
C GLU B 116 5.69 -4.64 11.83
N PHE B 117 4.94 -5.49 11.15
CA PHE B 117 4.98 -5.56 9.69
C PHE B 117 4.39 -4.29 9.09
N LEU B 118 3.35 -3.78 9.75
CA LEU B 118 2.69 -2.55 9.32
C LEU B 118 3.70 -1.40 9.49
N GLN B 119 4.39 -1.40 10.62
CA GLN B 119 5.40 -0.40 10.92
C GLN B 119 6.54 -0.50 9.91
N ALA B 120 6.85 -1.73 9.52
CA ALA B 120 7.92 -1.99 8.56
C ALA B 120 7.50 -1.45 7.19
N HIS B 121 6.20 -1.53 6.93
CA HIS B 121 5.60 -1.05 5.69
C HIS B 121 5.72 0.48 5.63
N TYR B 122 5.31 1.14 6.70
CA TYR B 122 5.36 2.59 6.78
C TYR B 122 6.78 3.11 6.65
N LEU B 123 7.69 2.53 7.43
CA LEU B 123 9.09 2.94 7.43
C LEU B 123 9.83 2.84 6.09
N VAL B 124 9.47 1.87 5.26
CA VAL B 124 10.12 1.76 3.96
C VAL B 124 9.55 2.85 3.05
N GLU B 125 8.23 3.00 3.06
CA GLU B 125 7.58 4.01 2.24
C GLU B 125 7.88 5.42 2.75
N ASP B 126 8.11 5.53 4.05
CA ASP B 126 8.41 6.82 4.68
C ASP B 126 9.83 7.29 4.41
N ASP B 127 10.78 6.36 4.33
CA ASP B 127 12.17 6.74 4.07
C ASP B 127 12.29 7.21 2.63
N ILE B 128 11.46 6.63 1.77
CA ILE B 128 11.42 6.98 0.37
C ILE B 128 10.78 8.37 0.24
N MET B 129 9.69 8.57 0.97
CA MET B 129 8.98 9.84 0.94
C MET B 129 9.82 10.95 1.57
N ASP B 130 10.41 10.67 2.71
CA ASP B 130 11.23 11.67 3.40
C ASP B 130 12.68 11.62 2.96
N ASN B 131 12.93 10.91 1.85
CA ASN B 131 14.28 10.76 1.29
C ASN B 131 15.34 10.68 2.39
N SER B 132 15.21 9.67 3.26
CA SER B 132 16.17 9.50 4.34
C SER B 132 17.33 8.63 3.83
N VAL B 133 18.36 8.45 4.64
CA VAL B 133 19.51 7.66 4.22
C VAL B 133 19.74 6.43 5.10
N THR B 134 19.62 6.61 6.42
CA THR B 134 19.85 5.51 7.33
C THR B 134 18.62 5.21 8.19
N ARG B 135 18.46 3.93 8.51
CA ARG B 135 17.34 3.46 9.33
C ARG B 135 17.80 2.32 10.25
N ARG B 136 17.58 2.50 11.55
CA ARG B 136 17.95 1.49 12.54
C ARG B 136 19.42 1.06 12.48
N GLY B 137 20.29 1.98 12.10
CA GLY B 137 21.70 1.66 12.01
C GLY B 137 22.10 1.32 10.58
N LYS B 138 21.35 0.42 9.96
CA LYS B 138 21.63 0.02 8.58
C LYS B 138 21.03 1.02 7.59
N PRO B 139 21.53 1.06 6.35
CA PRO B 139 21.02 1.99 5.33
C PRO B 139 19.55 1.70 5.01
N CYS B 140 18.78 2.75 4.75
CA CYS B 140 17.36 2.59 4.43
C CYS B 140 17.19 1.50 3.38
N TRP B 141 16.06 0.82 3.40
CA TRP B 141 15.81 -0.25 2.45
C TRP B 141 15.97 0.18 0.98
N TYR B 142 15.40 1.31 0.60
CA TYR B 142 15.53 1.77 -0.79
C TYR B 142 16.94 2.25 -1.08
N ARG B 143 17.72 2.48 -0.04
CA ARG B 143 19.10 2.92 -0.21
C ARG B 143 20.04 1.74 -0.37
N HIS B 144 19.54 0.54 -0.11
CA HIS B 144 20.34 -0.66 -0.25
C HIS B 144 20.90 -0.80 -1.66
N PRO B 145 22.16 -1.24 -1.77
CA PRO B 145 22.88 -1.42 -3.03
C PRO B 145 22.07 -2.07 -4.16
N ASP B 146 21.42 -3.20 -3.90
CA ASP B 146 20.66 -3.89 -4.93
C ASP B 146 19.15 -3.76 -4.83
N VAL B 147 18.67 -2.76 -4.11
CA VAL B 147 17.24 -2.56 -3.98
C VAL B 147 16.89 -1.30 -4.76
N THR B 148 16.23 -1.47 -5.91
CA THR B 148 15.83 -0.34 -6.73
C THR B 148 14.66 0.33 -6.03
N VAL B 149 14.49 1.63 -6.28
CA VAL B 149 13.42 2.38 -5.65
C VAL B 149 12.05 1.80 -5.99
N GLN B 150 11.80 1.50 -7.27
CA GLN B 150 10.52 0.94 -7.68
C GLN B 150 10.22 -0.40 -7.00
N CYS B 151 11.27 -1.18 -6.75
CA CYS B 151 11.07 -2.47 -6.11
C CYS B 151 10.82 -2.24 -4.64
N ALA B 152 11.57 -1.31 -4.06
CA ALA B 152 11.43 -0.97 -2.65
C ALA B 152 9.99 -0.59 -2.34
N ILE B 153 9.41 0.24 -3.20
CA ILE B 153 8.01 0.67 -3.05
C ILE B 153 7.10 -0.54 -3.02
N ASN B 154 7.31 -1.46 -3.96
CA ASN B 154 6.49 -2.64 -4.04
C ASN B 154 6.73 -3.60 -2.88
N ASP B 155 7.96 -3.62 -2.36
CA ASP B 155 8.30 -4.48 -1.23
C ASP B 155 7.51 -4.02 -0.01
N GLY B 156 7.32 -2.71 0.09
CA GLY B 156 6.56 -2.15 1.19
C GLY B 156 5.11 -2.53 1.10
N LEU B 157 4.60 -2.61 -0.12
CA LEU B 157 3.21 -2.99 -0.35
C LEU B 157 3.07 -4.46 0.01
N LEU B 158 4.15 -5.19 -0.23
CA LEU B 158 4.21 -6.61 0.07
C LEU B 158 4.15 -6.81 1.58
N LEU B 159 4.88 -5.96 2.30
CA LEU B 159 4.90 -6.02 3.75
C LEU B 159 3.51 -5.80 4.31
N LYS B 160 2.74 -4.94 3.66
CA LYS B 160 1.38 -4.65 4.11
C LYS B 160 0.49 -5.86 3.80
N SER B 161 0.69 -6.45 2.63
CA SER B 161 -0.11 -7.61 2.24
C SER B 161 0.05 -8.72 3.25
N TRP B 162 1.26 -8.88 3.78
CA TRP B 162 1.54 -9.93 4.76
C TRP B 162 0.79 -9.82 6.07
N THR B 163 0.39 -8.61 6.46
CA THR B 163 -0.37 -8.43 7.70
C THR B 163 -1.72 -9.13 7.55
N HIS B 164 -2.30 -9.04 6.36
CA HIS B 164 -3.58 -9.68 6.08
C HIS B 164 -3.42 -11.17 5.89
N MET B 165 -2.34 -11.57 5.24
CA MET B 165 -2.07 -12.98 4.99
C MET B 165 -1.89 -13.78 6.28
N MET B 166 -1.05 -13.30 7.18
CA MET B 166 -0.83 -14.00 8.44
C MET B 166 -2.09 -13.99 9.31
N ALA B 167 -2.83 -12.88 9.26
CA ALA B 167 -4.05 -12.76 10.04
C ALA B 167 -5.05 -13.86 9.68
N MET B 168 -5.47 -13.90 8.42
CA MET B 168 -6.43 -14.88 7.96
C MET B 168 -5.99 -16.33 8.21
N HIS B 169 -4.68 -16.58 8.05
CA HIS B 169 -4.13 -17.91 8.24
C HIS B 169 -4.28 -18.42 9.67
N PHE B 170 -3.89 -17.59 10.64
CA PHE B 170 -3.95 -17.93 12.05
C PHE B 170 -5.30 -17.63 12.74
N PHE B 171 -6.06 -16.67 12.23
CA PHE B 171 -7.35 -16.32 12.86
C PHE B 171 -8.60 -16.65 12.04
N ALA B 172 -8.50 -17.56 11.07
CA ALA B 172 -9.65 -17.90 10.25
C ALA B 172 -10.76 -18.59 11.04
N ASP B 173 -10.51 -18.88 12.32
CA ASP B 173 -11.51 -19.53 13.16
C ASP B 173 -12.01 -18.61 14.28
N ARG B 174 -11.15 -17.70 14.73
CA ARG B 174 -11.53 -16.78 15.80
C ARG B 174 -12.66 -15.84 15.43
N PRO B 175 -13.71 -15.81 16.26
CA PRO B 175 -14.91 -14.97 16.07
C PRO B 175 -14.59 -13.47 15.96
N PHE B 176 -13.60 -13.02 16.72
CA PHE B 176 -13.19 -11.62 16.73
C PHE B 176 -12.51 -11.15 15.44
N LEU B 177 -12.24 -12.09 14.54
CA LEU B 177 -11.55 -11.76 13.29
C LEU B 177 -12.05 -10.56 12.50
N GLN B 178 -13.36 -10.43 12.32
CA GLN B 178 -13.86 -9.29 11.55
C GLN B 178 -13.51 -7.98 12.22
N ASP B 179 -13.86 -7.85 13.50
CA ASP B 179 -13.58 -6.63 14.25
C ASP B 179 -12.07 -6.35 14.22
N LEU B 180 -11.30 -7.36 14.62
CA LEU B 180 -9.85 -7.27 14.66
C LEU B 180 -9.27 -6.66 13.37
N LEU B 181 -9.80 -7.09 12.24
CA LEU B 181 -9.35 -6.60 10.94
C LEU B 181 -10.00 -5.28 10.56
N CYS B 182 -11.15 -5.00 11.14
CA CYS B 182 -11.83 -3.75 10.86
C CYS B 182 -11.04 -2.64 11.57
N ARG B 183 -10.76 -2.85 12.84
CA ARG B 183 -10.01 -1.88 13.64
C ARG B 183 -8.59 -1.70 13.13
N PHE B 184 -8.05 -2.75 12.52
CA PHE B 184 -6.71 -2.73 11.97
C PHE B 184 -6.61 -1.81 10.74
N ASN B 185 -7.50 -2.04 9.78
CA ASN B 185 -7.55 -1.25 8.55
C ASN B 185 -7.89 0.20 8.86
N ARG B 186 -8.78 0.39 9.84
CA ARG B 186 -9.17 1.72 10.27
C ARG B 186 -7.90 2.50 10.63
N VAL B 187 -7.22 2.07 11.68
CA VAL B 187 -5.99 2.72 12.13
C VAL B 187 -5.01 2.90 10.97
N ASP B 188 -4.99 1.92 10.08
CA ASP B 188 -4.10 1.97 8.93
C ASP B 188 -4.51 3.10 8.00
N TYR B 189 -5.81 3.28 7.85
CA TYR B 189 -6.36 4.33 7.00
C TYR B 189 -5.99 5.69 7.59
N THR B 190 -6.43 5.91 8.83
CA THR B 190 -6.17 7.16 9.53
C THR B 190 -4.69 7.54 9.58
N THR B 191 -3.82 6.53 9.55
CA THR B 191 -2.38 6.78 9.58
C THR B 191 -1.90 7.31 8.24
N ALA B 192 -2.49 6.81 7.16
CA ALA B 192 -2.12 7.28 5.83
C ALA B 192 -2.63 8.71 5.70
N VAL B 193 -3.76 8.99 6.37
CA VAL B 193 -4.36 10.33 6.37
C VAL B 193 -3.44 11.29 7.14
N GLY B 194 -2.74 10.77 8.14
CA GLY B 194 -1.83 11.60 8.90
C GLY B 194 -0.60 11.91 8.05
N GLN B 195 -0.15 10.90 7.32
CA GLN B 195 1.01 11.03 6.47
C GLN B 195 0.71 12.07 5.40
N LEU B 196 -0.57 12.23 5.13
CA LEU B 196 -1.03 13.20 4.14
C LEU B 196 -0.82 14.61 4.68
N TYR B 197 -1.04 14.78 5.99
CA TYR B 197 -0.86 16.07 6.62
C TYR B 197 0.62 16.39 6.77
N ASP B 198 1.42 15.35 6.91
CA ASP B 198 2.87 15.47 7.06
C ASP B 198 3.57 15.96 5.82
N VAL B 199 3.25 15.36 4.67
CA VAL B 199 3.86 15.72 3.41
C VAL B 199 3.33 17.01 2.77
N THR B 200 2.14 17.44 3.15
CA THR B 200 1.52 18.66 2.63
C THR B 200 1.56 19.84 3.63
N SER B 201 2.21 19.63 4.77
CA SER B 201 2.30 20.66 5.81
C SER B 201 3.19 21.85 5.45
N MET B 202 4.23 21.61 4.65
CA MET B 202 5.16 22.67 4.24
C MET B 202 4.61 23.50 3.08
N PHE B 203 3.42 23.15 2.61
CA PHE B 203 2.80 23.89 1.52
C PHE B 203 1.54 24.62 1.95
N ASP B 204 1.44 25.89 1.56
CA ASP B 204 0.26 26.69 1.88
C ASP B 204 -0.92 25.96 1.27
N SER B 205 -1.73 25.35 2.14
CA SER B 205 -2.88 24.57 1.72
C SER B 205 -3.90 25.32 0.87
N ASN B 206 -3.78 26.65 0.80
CA ASN B 206 -4.72 27.44 0.00
C ASN B 206 -4.40 27.37 -1.48
N LYS B 207 -3.13 27.20 -1.81
CA LYS B 207 -2.68 27.11 -3.19
C LYS B 207 -2.64 25.66 -3.64
N LEU B 208 -2.96 24.75 -2.71
CA LEU B 208 -2.96 23.32 -2.96
C LEU B 208 -3.91 22.98 -4.09
N ASP B 209 -3.35 22.53 -5.21
CA ASP B 209 -4.13 22.18 -6.38
C ASP B 209 -3.31 21.34 -7.35
N PRO B 210 -3.69 20.06 -7.51
CA PRO B 210 -3.03 19.10 -8.40
C PRO B 210 -2.43 19.60 -9.73
N ASP B 211 -2.96 20.69 -10.28
CA ASP B 211 -2.46 21.20 -11.56
C ASP B 211 -1.37 22.27 -11.53
N VAL B 212 -1.24 22.99 -10.42
CA VAL B 212 -0.23 24.05 -10.30
C VAL B 212 0.68 23.88 -9.10
N SER B 213 1.98 23.83 -9.36
CA SER B 213 2.97 23.68 -8.30
C SER B 213 3.34 25.00 -7.63
N GLN B 214 3.73 24.92 -6.36
CA GLN B 214 4.14 26.09 -5.59
C GLN B 214 5.30 25.63 -4.71
N PRO B 215 6.22 26.55 -4.38
CA PRO B 215 7.38 26.20 -3.54
C PRO B 215 7.00 25.94 -2.08
N THR B 216 8.00 25.72 -1.23
CA THR B 216 7.74 25.50 0.20
C THR B 216 7.30 26.83 0.79
N THR B 217 6.16 26.82 1.48
CA THR B 217 5.62 28.04 2.10
C THR B 217 6.80 28.88 2.55
N THR B 218 6.72 30.18 2.30
CA THR B 218 7.80 31.08 2.70
C THR B 218 7.50 31.71 4.07
N ASP B 219 6.23 31.97 4.32
CA ASP B 219 5.82 32.59 5.58
C ASP B 219 5.64 31.56 6.70
N PHE B 220 5.51 30.30 6.34
CA PHE B 220 5.34 29.24 7.33
C PHE B 220 4.17 29.51 8.26
N ALA B 221 3.15 30.19 7.76
CA ALA B 221 1.98 30.52 8.57
C ALA B 221 1.19 29.31 9.05
N GLU B 222 1.25 28.21 8.30
CA GLU B 222 0.51 27.00 8.67
C GLU B 222 1.18 26.10 9.72
N PHE B 223 2.39 26.47 10.13
CA PHE B 223 3.14 25.73 11.12
C PHE B 223 2.64 26.06 12.53
N THR B 224 1.35 25.80 12.77
CA THR B 224 0.75 26.08 14.07
C THR B 224 0.64 24.83 14.93
N LEU B 225 0.71 25.03 16.23
CA LEU B 225 0.63 23.93 17.19
C LEU B 225 -0.61 23.08 16.96
N SER B 226 -1.72 23.73 16.60
CA SER B 226 -2.95 22.98 16.35
C SER B 226 -2.80 22.14 15.10
N ASN B 227 -2.02 22.63 14.13
CA ASN B 227 -1.81 21.87 12.91
C ASN B 227 -0.81 20.76 13.15
N TYR B 228 0.14 21.02 14.05
CA TYR B 228 1.12 20.00 14.39
C TYR B 228 0.36 18.88 15.10
N LYS B 229 -0.45 19.26 16.08
CA LYS B 229 -1.24 18.30 16.84
C LYS B 229 -2.06 17.41 15.92
N ARG B 230 -2.58 17.98 14.85
CA ARG B 230 -3.40 17.21 13.92
C ARG B 230 -2.60 16.14 13.21
N ILE B 231 -1.47 16.52 12.63
CA ILE B 231 -0.62 15.57 11.92
C ILE B 231 -0.07 14.48 12.83
N VAL B 232 0.24 14.85 14.06
CA VAL B 232 0.79 13.91 15.03
C VAL B 232 -0.23 12.89 15.53
N LYS B 233 -1.41 13.36 15.84
CA LYS B 233 -2.46 12.49 16.32
C LYS B 233 -2.76 11.39 15.31
N TYR B 234 -2.71 11.74 14.03
CA TYR B 234 -3.04 10.82 12.96
C TYR B 234 -1.92 9.97 12.35
N LYS B 235 -0.70 10.48 12.33
CA LYS B 235 0.39 9.71 11.76
C LYS B 235 1.16 8.87 12.79
N THR B 236 0.85 9.06 14.08
CA THR B 236 1.52 8.33 15.14
C THR B 236 0.62 7.73 16.22
N ALA B 237 -0.03 8.59 16.99
CA ALA B 237 -0.91 8.17 18.09
C ALA B 237 -1.72 6.88 17.90
N TYR B 238 -2.55 6.83 16.87
CA TYR B 238 -3.40 5.66 16.61
C TYR B 238 -2.76 4.29 16.45
N TYR B 239 -1.79 4.17 15.56
CA TYR B 239 -1.16 2.87 15.35
C TYR B 239 -0.02 2.53 16.31
N THR B 240 0.62 3.54 16.89
CA THR B 240 1.72 3.29 17.81
C THR B 240 1.27 3.03 19.24
N TYR B 241 0.18 3.67 19.66
CA TYR B 241 -0.33 3.49 21.01
C TYR B 241 -1.74 2.92 21.12
N LEU B 242 -2.66 3.46 20.33
CA LEU B 242 -4.05 3.01 20.38
C LEU B 242 -4.28 1.61 19.80
N LEU B 243 -3.49 1.21 18.81
CA LEU B 243 -3.65 -0.10 18.18
C LEU B 243 -3.19 -1.26 19.06
N PRO B 244 -1.93 -1.20 19.55
CA PRO B 244 -1.42 -2.29 20.41
C PRO B 244 -2.38 -2.59 21.57
N LEU B 245 -2.84 -1.54 22.26
CA LEU B 245 -3.78 -1.72 23.37
C LEU B 245 -5.08 -2.39 22.92
N VAL B 246 -5.56 -1.95 21.76
CA VAL B 246 -6.79 -2.47 21.17
C VAL B 246 -6.71 -3.94 20.75
N MET B 247 -5.67 -4.30 20.03
CA MET B 247 -5.52 -5.69 19.59
C MET B 247 -5.36 -6.58 20.80
N GLY B 248 -4.61 -6.12 21.79
CA GLY B 248 -4.40 -6.88 23.01
C GLY B 248 -5.69 -7.13 23.77
N LEU B 249 -6.61 -6.17 23.69
CA LEU B 249 -7.91 -6.28 24.36
C LEU B 249 -8.82 -7.25 23.60
N ILE B 250 -8.66 -7.25 22.28
CA ILE B 250 -9.44 -8.09 21.37
C ILE B 250 -9.08 -9.57 21.49
N VAL B 251 -7.79 -9.88 21.43
CA VAL B 251 -7.31 -11.26 21.53
C VAL B 251 -7.54 -11.85 22.90
N SER B 252 -7.85 -10.97 23.87
CA SER B 252 -8.11 -11.38 25.25
C SER B 252 -9.61 -11.32 25.55
N GLU B 253 -10.40 -10.93 24.55
CA GLU B 253 -11.85 -10.83 24.69
C GLU B 253 -12.20 -9.94 25.88
N ALA B 254 -11.42 -8.89 26.08
CA ALA B 254 -11.64 -7.98 27.20
C ALA B 254 -12.00 -6.58 26.77
N LEU B 255 -12.03 -6.35 25.46
CA LEU B 255 -12.32 -5.02 24.90
C LEU B 255 -13.46 -4.23 25.57
N PRO B 256 -14.61 -4.87 25.82
CA PRO B 256 -15.77 -4.22 26.46
C PRO B 256 -15.69 -3.99 27.96
N THR B 257 -14.57 -4.39 28.57
CA THR B 257 -14.40 -4.22 30.02
C THR B 257 -13.63 -2.95 30.39
N VAL B 258 -13.26 -2.15 29.40
CA VAL B 258 -12.51 -0.92 29.65
C VAL B 258 -13.24 0.30 29.12
N ASP B 259 -12.87 1.47 29.66
CA ASP B 259 -13.47 2.73 29.25
C ASP B 259 -12.74 3.23 28.01
N MET B 260 -13.18 2.78 26.84
CA MET B 260 -12.53 3.16 25.60
C MET B 260 -12.29 4.67 25.49
N GLY B 261 -13.21 5.46 26.02
CA GLY B 261 -13.04 6.90 25.97
C GLY B 261 -11.76 7.34 26.65
N VAL B 262 -11.52 6.83 27.87
CA VAL B 262 -10.33 7.16 28.63
C VAL B 262 -9.10 6.51 28.00
N THR B 263 -9.30 5.36 27.39
CA THR B 263 -8.22 4.64 26.74
C THR B 263 -7.70 5.43 25.55
N GLU B 264 -8.61 5.99 24.76
CA GLU B 264 -8.23 6.75 23.58
C GLU B 264 -7.56 8.07 23.94
N GLU B 265 -8.00 8.66 25.05
CA GLU B 265 -7.43 9.93 25.51
C GLU B 265 -5.97 9.69 25.87
N LEU B 266 -5.70 8.55 26.48
CA LEU B 266 -4.33 8.20 26.87
C LEU B 266 -3.46 7.96 25.64
N ALA B 267 -3.98 7.19 24.69
CA ALA B 267 -3.25 6.89 23.46
C ALA B 267 -2.89 8.16 22.69
N MET B 268 -3.88 9.03 22.51
CA MET B 268 -3.67 10.28 21.78
C MET B 268 -2.64 11.16 22.48
N LEU B 269 -2.68 11.17 23.81
CA LEU B 269 -1.76 11.97 24.60
C LEU B 269 -0.34 11.39 24.58
N MET B 270 -0.23 10.07 24.72
CA MET B 270 1.08 9.43 24.70
C MET B 270 1.68 9.46 23.31
N GLY B 271 0.81 9.40 22.30
CA GLY B 271 1.25 9.44 20.92
C GLY B 271 1.83 10.77 20.53
N GLU B 272 1.19 11.86 20.96
CA GLU B 272 1.66 13.19 20.64
C GLU B 272 3.04 13.40 21.25
N TYR B 273 3.14 13.09 22.53
CA TYR B 273 4.39 13.21 23.28
C TYR B 273 5.48 12.38 22.61
N PHE B 274 5.12 11.15 22.28
CA PHE B 274 6.03 10.21 21.62
C PHE B 274 6.58 10.82 20.34
N GLN B 275 5.67 11.38 19.54
CA GLN B 275 6.06 11.99 18.28
C GLN B 275 6.91 13.24 18.49
N VAL B 276 6.63 13.99 19.55
CA VAL B 276 7.38 15.20 19.85
C VAL B 276 8.85 14.87 20.13
N GLN B 277 9.07 13.74 20.79
CA GLN B 277 10.43 13.28 21.10
C GLN B 277 11.15 12.88 19.83
N ASP B 278 10.38 12.33 18.89
CA ASP B 278 10.90 11.89 17.61
C ASP B 278 11.47 13.11 16.88
N ASP B 279 10.76 14.23 16.95
CA ASP B 279 11.18 15.46 16.29
C ASP B 279 12.43 16.06 16.91
N VAL B 280 12.52 16.04 18.24
CA VAL B 280 13.69 16.59 18.93
C VAL B 280 14.91 15.70 18.66
N MET B 281 14.70 14.38 18.71
CA MET B 281 15.80 13.45 18.45
C MET B 281 16.30 13.54 17.01
N ASP B 282 15.45 14.07 16.13
CA ASP B 282 15.83 14.18 14.72
C ASP B 282 16.85 15.30 14.53
N CYS B 283 16.81 16.28 15.42
CA CYS B 283 17.73 17.40 15.33
C CYS B 283 18.88 17.34 16.33
N PHE B 284 18.62 16.83 17.52
CA PHE B 284 19.66 16.80 18.55
C PHE B 284 20.30 15.48 18.95
N THR B 285 19.70 14.35 18.61
CA THR B 285 20.32 13.09 18.98
C THR B 285 21.34 12.62 17.94
N PRO B 286 22.50 12.14 18.41
CA PRO B 286 23.58 11.65 17.55
C PRO B 286 23.17 10.43 16.73
N PRO B 287 23.34 10.50 15.40
CA PRO B 287 22.99 9.42 14.48
C PRO B 287 23.32 8.01 14.99
N GLU B 288 24.58 7.80 15.36
CA GLU B 288 25.06 6.51 15.85
C GLU B 288 24.23 5.91 17.00
N ARG B 289 23.52 6.76 17.72
CA ARG B 289 22.69 6.29 18.84
C ARG B 289 21.22 6.15 18.42
N LEU B 290 20.74 7.12 17.66
CA LEU B 290 19.35 7.11 17.19
C LEU B 290 19.11 6.05 16.13
N GLY B 291 20.14 5.76 15.34
CA GLY B 291 20.03 4.75 14.30
C GLY B 291 19.60 5.32 12.96
N LYS B 292 19.57 6.65 12.85
CA LYS B 292 19.17 7.30 11.61
C LYS B 292 19.62 8.76 11.53
N VAL B 293 19.71 9.26 10.30
CA VAL B 293 20.10 10.64 10.03
C VAL B 293 18.85 11.48 9.80
N GLY B 294 18.66 12.52 10.60
CA GLY B 294 17.50 13.37 10.49
C GLY B 294 17.29 14.06 9.15
N THR B 295 16.03 14.31 8.82
CA THR B 295 15.68 14.97 7.57
C THR B 295 14.54 15.96 7.73
N ASP B 296 14.04 16.15 8.95
CA ASP B 296 12.94 17.09 9.18
C ASP B 296 13.26 18.51 8.76
N ILE B 297 14.50 18.94 8.98
CA ILE B 297 14.91 20.30 8.61
C ILE B 297 15.09 20.47 7.11
N GLN B 298 15.64 19.47 6.43
CA GLN B 298 15.85 19.59 5.00
C GLN B 298 14.52 19.42 4.28
N ASP B 299 13.65 18.58 4.84
CA ASP B 299 12.34 18.34 4.24
C ASP B 299 11.35 19.42 4.65
N ALA B 300 11.84 20.42 5.37
CA ALA B 300 11.00 21.51 5.84
C ALA B 300 9.74 20.98 6.50
N LYS B 301 9.90 19.93 7.31
CA LYS B 301 8.79 19.31 8.00
C LYS B 301 8.23 20.17 9.14
N CYS B 302 6.91 20.10 9.32
CA CYS B 302 6.27 20.85 10.39
C CYS B 302 6.56 20.07 11.67
N SER B 303 7.75 20.28 12.22
CA SER B 303 8.19 19.58 13.43
C SER B 303 7.82 20.36 14.67
N TRP B 304 7.85 19.69 15.82
CA TRP B 304 7.52 20.35 17.08
C TRP B 304 8.50 21.50 17.27
N LEU B 305 9.77 21.22 17.04
CA LEU B 305 10.83 22.22 17.17
C LEU B 305 10.52 23.45 16.32
N ALA B 306 10.08 23.19 15.09
CA ALA B 306 9.75 24.24 14.13
C ALA B 306 8.59 25.16 14.53
N VAL B 307 7.51 24.57 15.04
CA VAL B 307 6.33 25.33 15.47
C VAL B 307 6.55 26.05 16.81
N THR B 308 7.22 25.37 17.74
CA THR B 308 7.51 25.95 19.05
C THR B 308 8.48 27.12 18.89
N PHE B 309 9.41 26.98 17.95
CA PHE B 309 10.38 28.03 17.69
C PHE B 309 9.66 29.27 17.17
N LEU B 310 9.00 29.12 16.02
CA LEU B 310 8.28 30.23 15.41
C LEU B 310 7.36 30.94 16.41
N ALA B 311 6.69 30.16 17.25
CA ALA B 311 5.76 30.69 18.23
C ALA B 311 6.39 31.56 19.31
N LYS B 312 7.71 31.53 19.45
CA LYS B 312 8.38 32.32 20.49
C LYS B 312 9.52 33.21 20.00
N ALA B 313 10.20 32.78 18.94
CA ALA B 313 11.33 33.52 18.41
C ALA B 313 11.08 34.99 18.13
N SER B 314 12.18 35.74 18.08
CA SER B 314 12.17 37.17 17.82
C SER B 314 12.23 37.41 16.31
N SER B 315 11.89 38.62 15.89
CA SER B 315 11.89 39.00 14.48
C SER B 315 13.11 38.50 13.70
N ALA B 316 14.30 38.76 14.21
CA ALA B 316 15.53 38.33 13.52
C ALA B 316 15.52 36.81 13.34
N GLN B 317 15.34 36.10 14.44
CA GLN B 317 15.30 34.64 14.44
C GLN B 317 14.29 34.08 13.46
N VAL B 318 13.06 34.59 13.51
CA VAL B 318 12.00 34.13 12.62
C VAL B 318 12.36 34.42 11.15
N ALA B 319 13.11 35.50 10.94
CA ALA B 319 13.52 35.87 9.59
C ALA B 319 14.64 34.96 9.07
N GLU B 320 15.72 34.84 9.84
CA GLU B 320 16.83 34.00 9.41
C GLU B 320 16.38 32.56 9.21
N PHE B 321 15.46 32.13 10.06
CA PHE B 321 14.88 30.78 10.00
C PHE B 321 14.40 30.48 8.59
N LYS B 322 13.50 31.31 8.09
CA LYS B 322 12.92 31.13 6.77
C LYS B 322 13.97 31.12 5.66
N ALA B 323 15.10 31.75 5.90
CA ALA B 323 16.17 31.83 4.90
C ALA B 323 17.12 30.64 4.89
N ASN B 324 16.97 29.73 5.85
CA ASN B 324 17.83 28.55 5.93
C ASN B 324 17.07 27.23 6.04
N TYR B 325 15.79 27.31 6.38
CA TYR B 325 14.98 26.11 6.55
C TYR B 325 14.50 25.60 5.19
N GLY B 326 14.34 24.29 5.08
CA GLY B 326 13.89 23.70 3.84
C GLY B 326 15.00 23.49 2.82
N SER B 327 16.24 23.71 3.22
CA SER B 327 17.36 23.52 2.32
C SER B 327 18.15 22.29 2.73
N GLY B 328 18.79 21.67 1.77
CA GLY B 328 19.59 20.49 2.05
C GLY B 328 21.05 20.85 2.27
N ASP B 329 21.37 22.14 2.22
CA ASP B 329 22.75 22.57 2.40
C ASP B 329 23.30 22.43 3.82
N SER B 330 24.51 21.89 3.91
CA SER B 330 25.22 21.66 5.15
C SER B 330 25.17 22.79 6.20
N GLU B 331 25.67 23.97 5.83
CA GLU B 331 25.70 25.11 6.74
C GLU B 331 24.33 25.68 7.10
N LYS B 332 23.44 25.73 6.13
CA LYS B 332 22.10 26.24 6.37
C LYS B 332 21.41 25.40 7.44
N VAL B 333 21.54 24.08 7.32
CA VAL B 333 20.95 23.13 8.28
C VAL B 333 21.54 23.34 9.67
N ALA B 334 22.81 23.70 9.71
CA ALA B 334 23.49 23.96 10.98
C ALA B 334 22.92 25.23 11.60
N THR B 335 22.66 26.23 10.76
CA THR B 335 22.10 27.50 11.20
C THR B 335 20.75 27.29 11.87
N VAL B 336 19.99 26.32 11.37
CA VAL B 336 18.67 26.05 11.95
C VAL B 336 18.79 25.41 13.33
N ARG B 337 19.82 24.60 13.53
CA ARG B 337 20.04 23.99 14.83
C ARG B 337 20.40 25.15 15.75
N ARG B 338 21.39 25.94 15.32
CA ARG B 338 21.90 27.10 16.06
C ARG B 338 20.77 28.00 16.58
N LEU B 339 19.71 28.17 15.78
CA LEU B 339 18.60 29.00 16.19
C LEU B 339 17.69 28.23 17.15
N TYR B 340 17.67 26.90 16.99
CA TYR B 340 16.88 26.03 17.86
C TYR B 340 17.47 25.98 19.26
N GLU B 341 18.79 26.00 19.34
CA GLU B 341 19.45 25.95 20.64
C GLU B 341 19.25 27.25 21.39
N GLU B 342 19.64 28.36 20.77
CA GLU B 342 19.50 29.67 21.39
C GLU B 342 18.06 29.95 21.79
N ALA B 343 17.12 29.37 21.06
CA ALA B 343 15.70 29.57 21.37
C ALA B 343 15.36 28.79 22.62
N ASP B 344 16.35 28.07 23.14
CA ASP B 344 16.20 27.28 24.36
C ASP B 344 14.90 26.48 24.31
N LEU B 345 14.83 25.53 23.38
CA LEU B 345 13.64 24.70 23.20
C LEU B 345 13.51 23.53 24.16
N GLN B 346 14.48 23.38 25.05
CA GLN B 346 14.46 22.30 26.02
C GLN B 346 13.58 22.73 27.18
N GLY B 347 13.70 24.01 27.53
CA GLY B 347 12.91 24.56 28.61
C GLY B 347 11.42 24.37 28.36
N ASP B 348 11.02 24.44 27.09
CA ASP B 348 9.62 24.27 26.74
C ASP B 348 9.29 22.77 26.69
N TYR B 349 10.27 21.99 26.26
CA TYR B 349 10.10 20.55 26.16
C TYR B 349 9.88 19.91 27.53
N VAL B 350 10.79 20.18 28.47
CA VAL B 350 10.68 19.63 29.82
C VAL B 350 9.37 20.06 30.47
N ALA B 351 8.94 21.28 30.15
CA ALA B 351 7.69 21.83 30.67
C ALA B 351 6.54 21.07 30.06
N TYR B 352 6.63 20.85 28.75
CA TYR B 352 5.62 20.10 28.02
C TYR B 352 5.54 18.68 28.56
N GLU B 353 6.70 18.05 28.69
CA GLU B 353 6.80 16.68 29.19
C GLU B 353 6.13 16.57 30.56
N ALA B 354 6.37 17.56 31.41
CA ALA B 354 5.80 17.59 32.76
C ALA B 354 4.28 17.74 32.68
N ALA B 355 3.83 18.63 31.80
CA ALA B 355 2.41 18.85 31.61
C ALA B 355 1.74 17.54 31.22
N VAL B 356 2.36 16.82 30.26
CA VAL B 356 1.83 15.54 29.79
C VAL B 356 1.92 14.47 30.88
N ALA B 357 3.10 14.34 31.48
CA ALA B 357 3.31 13.36 32.55
C ALA B 357 2.18 13.45 33.58
N GLU B 358 1.84 14.67 33.98
CA GLU B 358 0.79 14.91 34.95
C GLU B 358 -0.61 14.57 34.42
N GLN B 359 -0.84 14.83 33.15
CA GLN B 359 -2.12 14.56 32.53
C GLN B 359 -2.31 13.06 32.33
N VAL B 360 -1.22 12.36 32.01
CA VAL B 360 -1.27 10.92 31.81
C VAL B 360 -1.53 10.23 33.15
N LYS B 361 -0.81 10.66 34.17
CA LYS B 361 -0.96 10.09 35.50
C LYS B 361 -2.42 9.99 35.94
N GLU B 362 -3.13 11.11 35.93
CA GLU B 362 -4.53 11.13 36.35
C GLU B 362 -5.46 10.32 35.45
N LEU B 363 -5.15 10.26 34.15
CA LEU B 363 -5.99 9.47 33.24
C LEU B 363 -5.85 8.00 33.60
N ILE B 364 -4.61 7.58 33.87
CA ILE B 364 -4.30 6.19 34.24
C ILE B 364 -5.07 5.78 35.50
N GLU B 365 -5.26 6.74 36.41
CA GLU B 365 -5.97 6.49 37.67
C GLU B 365 -7.44 6.25 37.39
N LYS B 366 -7.99 6.98 36.43
CA LYS B 366 -9.38 6.81 36.06
C LYS B 366 -9.52 5.36 35.59
N LEU B 367 -8.60 4.94 34.74
CA LEU B 367 -8.63 3.58 34.22
C LEU B 367 -8.60 2.52 35.32
N ARG B 368 -7.70 2.70 36.29
CA ARG B 368 -7.56 1.75 37.39
C ARG B 368 -8.85 1.46 38.16
N LEU B 369 -9.69 2.49 38.30
CA LEU B 369 -10.97 2.35 39.00
C LEU B 369 -11.79 1.10 38.61
N CYS B 370 -11.90 0.83 37.31
CA CYS B 370 -12.67 -0.31 36.83
C CYS B 370 -11.89 -1.29 35.97
N SER B 371 -10.65 -0.94 35.63
CA SER B 371 -9.79 -1.78 34.81
C SER B 371 -8.37 -1.73 35.38
N PRO B 372 -8.16 -2.32 36.57
CA PRO B 372 -6.85 -2.34 37.24
C PRO B 372 -5.78 -3.03 36.39
N GLY B 373 -6.09 -4.24 35.95
CA GLY B 373 -5.14 -4.97 35.14
C GLY B 373 -4.72 -4.19 33.90
N PHE B 374 -5.69 -3.57 33.25
CA PHE B 374 -5.42 -2.80 32.05
C PHE B 374 -4.54 -1.60 32.39
N ALA B 375 -4.93 -0.86 33.42
CA ALA B 375 -4.17 0.31 33.84
C ALA B 375 -2.70 -0.05 34.02
N ALA B 376 -2.46 -1.23 34.60
CA ALA B 376 -1.10 -1.71 34.83
C ALA B 376 -0.28 -1.83 33.54
N SER B 377 -0.90 -2.39 32.50
CA SER B 377 -0.23 -2.54 31.21
C SER B 377 0.02 -1.17 30.59
N VAL B 378 -0.87 -0.22 30.87
CA VAL B 378 -0.74 1.14 30.34
C VAL B 378 0.43 1.86 31.03
N GLU B 379 0.65 1.53 32.30
CA GLU B 379 1.76 2.13 33.05
C GLU B 379 3.08 1.77 32.37
N THR B 380 3.24 0.49 32.07
CA THR B 380 4.45 -0.02 31.42
C THR B 380 4.70 0.69 30.10
N LEU B 381 3.66 0.77 29.27
CA LEU B 381 3.74 1.42 27.97
C LEU B 381 4.21 2.86 28.14
N TRP B 382 3.69 3.52 29.17
CA TRP B 382 4.07 4.90 29.47
C TRP B 382 5.52 4.88 29.95
N GLY B 383 5.83 3.91 30.81
CA GLY B 383 7.17 3.79 31.34
C GLY B 383 8.23 3.67 30.25
N LYS B 384 7.83 3.13 29.11
CA LYS B 384 8.74 2.94 27.98
C LYS B 384 8.80 4.19 27.11
N THR B 385 7.82 5.06 27.27
CA THR B 385 7.74 6.29 26.49
C THR B 385 8.39 7.46 27.22
N TYR B 386 8.03 7.61 28.49
CA TYR B 386 8.55 8.68 29.34
C TYR B 386 10.08 8.76 29.36
N LYS B 387 10.61 9.87 28.85
CA LYS B 387 12.04 10.11 28.82
C LYS B 387 12.89 9.07 28.10
N ARG B 388 12.31 8.42 27.09
CA ARG B 388 13.06 7.40 26.34
C ARG B 388 14.26 8.03 25.64
N GLN B 389 15.23 7.19 25.27
CA GLN B 389 16.44 7.66 24.59
C GLN B 389 16.53 7.03 23.21
N LYS B 390 16.30 5.71 23.17
CA LYS B 390 16.33 4.87 21.96
C LYS B 390 17.66 4.11 21.79
MG MG C . 3.37 0.95 -16.63
MG MG D . 2.50 -1.86 -20.60
MG MG E . 4.84 -2.26 -14.44
C ACT F . -7.35 0.63 -17.49
O ACT F . -7.83 0.69 -16.25
OXT ACT F . -7.62 -0.30 -18.19
CH3 ACT F . -6.48 1.77 -17.99
C ACT G . -10.79 0.42 -18.78
O ACT G . -10.59 1.69 -18.41
OXT ACT G . -10.79 -0.46 -17.94
CH3 ACT G . -11.00 0.11 -20.24
C2 GG3 H . -1.42 -3.32 -15.72
C6 GG3 H . -0.14 -3.78 -13.69
C7 GG3 H . -0.84 -2.95 -17.11
C8 GG3 H . 0.30 -1.92 -16.89
O16 GG3 H . 0.24 -0.92 -19.46
P14 GG3 H . 0.10 -0.52 -18.00
O17 GG3 H . 1.10 0.48 -17.53
O15 GG3 H . -1.34 -0.06 -17.71
P9 GG3 H . 1.97 -2.69 -17.09
O11 GG3 H . 2.01 -3.03 -18.56
O10 GG3 H . 3.02 -1.61 -16.82
O12 GG3 H . 1.94 -3.84 -16.12
O13 GG3 H . 0.13 -1.31 -15.57
N13 GG3 H . -0.61 -4.33 -15.01
C21 GG3 H . -1.36 -5.59 -14.88
C22 GG3 H . -0.92 -4.13 -12.43
C26 GG3 H . -0.20 -3.40 -11.30
C27 GG3 H . -0.14 -4.32 -10.12
C28 GG3 H . 0.55 -3.71 -8.91
C33 GG3 H . 0.66 -4.52 -7.75
C32 GG3 H . 1.28 -4.01 -6.58
C31 GG3 H . 1.79 -2.69 -6.58
C30 GG3 H . 1.70 -1.88 -7.74
C29 GG3 H . 1.09 -2.38 -8.91
MG MG I . 11.54 9.42 7.51
MG MG J . 11.82 12.11 11.75
MG MG K . 7.22 11.49 7.74
C ACT L . 11.36 1.51 15.50
O ACT L . 10.16 1.34 14.95
OXT ACT L . 11.49 1.34 16.68
CH3 ACT L . 12.53 1.89 14.63
C2 GG3 M . 7.53 7.35 12.60
C6 GG3 M . 5.81 7.37 10.88
C7 GG3 M . 8.61 8.49 12.77
C8 GG3 M . 9.24 8.75 11.37
O16 GG3 M . 11.68 9.68 12.35
P14 GG3 M . 11.06 8.64 11.42
O17 GG3 M . 11.46 8.76 9.98
O15 GG3 M . 11.30 7.24 11.95
P9 GG3 M . 8.70 10.40 10.72
O11 GG3 M . 9.37 11.40 11.65
O10 GG3 M . 9.31 10.55 9.32
O12 GG3 M . 7.19 10.29 10.79
O13 GG3 M . 8.86 7.70 10.46
N13 GG3 M . 6.14 7.81 12.25
C21 GG3 M . 5.20 7.23 13.23
C22 GG3 M . 4.82 8.24 10.08
C26 GG3 M . 4.71 7.55 8.74
C27 GG3 M . 3.25 7.33 8.41
C28 GG3 M . 3.04 6.62 7.07
C33 GG3 M . 1.70 6.36 6.66
C32 GG3 M . 1.43 5.72 5.42
C31 GG3 M . 2.50 5.32 4.59
C30 GG3 M . 3.85 5.55 4.98
C29 GG3 M . 4.13 6.21 6.22
C1 BME N . -15.73 -1.90 13.96
C2 BME N . -14.58 -1.01 14.51
O1 BME N . -16.39 -2.34 14.88
S2 BME N . -13.54 -0.34 13.22
#